data_5HGL
#
_entry.id   5HGL
#
_cell.length_a   89.690
_cell.length_b   159.270
_cell.length_c   249.399
_cell.angle_alpha   90.000
_cell.angle_beta   90.000
_cell.angle_gamma   90.000
#
_symmetry.space_group_name_H-M   'C 2 2 21'
#
loop_
_entity.id
_entity.type
_entity.pdbx_description
1 polymer 'Capsid protein P24'
2 non-polymer N-METHYL-NALPHA-[(2-METHYL-1H-INDOL-3-YL)ACETYL]-N-PHENYL-L-PHENYLALANINAMIDE
3 non-polymer 'CHLORIDE ION'
#
_entity_poly.entity_id   1
_entity_poly.type   'polypeptide(L)'
_entity_poly.pdbx_seq_one_letter_code
;PIVQNLQGQMVHQCISPRTLNAWVKVVEEKAFSPEVIPMFSALSCGATPQDLNTMLNTVGGHQAAMQMLKETINEEAAEW
DRLHPVHAGPIAPGQMREPRGSDIAGTTSTLQEQIGWMTHNPPIPVGEIYKRWIILGLNKIVRMYSPTSILDIRQGPKEP
FRDYVDRFYKTLRAEQASQEVKNAATETLLVQNANPDCKTILKALGPGATLEEMMTACQGVGGPGHKARVL
;
_entity_poly.pdbx_strand_id   A,B,C,D,E,F
#
loop_
_chem_comp.id
_chem_comp.type
_chem_comp.name
_chem_comp.formula
1B0 non-polymer N-METHYL-NALPHA-[(2-METHYL-1H-INDOL-3-YL)ACETYL]-N-PHENYL-L-PHENYLALANINAMIDE 'C27 H27 N3 O2'
CL non-polymer 'CHLORIDE ION' 'Cl -1'
#
# COMPACT_ATOMS: atom_id res chain seq x y z
N PRO A 1 15.24 5.64 11.92
CA PRO A 1 16.51 4.95 12.06
C PRO A 1 17.68 5.81 11.51
N ILE A 2 18.58 5.27 10.68
CA ILE A 2 19.87 5.88 10.42
C ILE A 2 20.41 5.72 9.00
N VAL A 3 20.92 6.82 8.44
CA VAL A 3 21.45 6.83 7.05
C VAL A 3 22.62 7.80 6.86
N GLN A 4 23.45 7.53 5.86
CA GLN A 4 24.48 8.49 5.37
C GLN A 4 23.84 9.24 4.20
N ASN A 5 23.88 10.58 4.27
CA ASN A 5 23.34 11.44 3.20
C ASN A 5 24.29 11.55 2.00
N LEU A 6 23.96 12.39 1.02
CA LEU A 6 24.87 12.66 -0.11
C LEU A 6 26.07 13.50 0.33
N GLN A 7 25.91 14.32 1.37
CA GLN A 7 27.00 15.11 1.96
C GLN A 7 28.07 14.33 2.74
N GLY A 8 27.86 13.04 2.99
CA GLY A 8 28.86 12.22 3.70
C GLY A 8 28.57 11.96 5.17
N GLN A 9 28.06 12.96 5.87
CA GLN A 9 27.75 12.81 7.30
C GLN A 9 26.56 11.87 7.48
N MET A 10 26.54 11.16 8.60
CA MET A 10 25.44 10.27 8.95
C MET A 10 24.34 11.05 9.65
N VAL A 11 23.11 10.93 9.15
CA VAL A 11 21.95 11.66 9.66
C VAL A 11 20.72 10.76 9.88
N HIS A 12 19.79 11.27 10.67
CA HIS A 12 18.60 10.53 11.06
C HIS A 12 17.66 10.39 9.87
N GLN A 13 17.41 9.14 9.44
CA GLN A 13 16.33 8.84 8.46
C GLN A 13 15.00 8.80 9.24
N CYS A 14 14.02 9.57 8.78
CA CYS A 14 12.72 9.64 9.45
C CYS A 14 12.08 8.28 9.45
N ILE A 15 11.60 7.86 10.61
CA ILE A 15 10.86 6.60 10.75
C ILE A 15 9.58 6.59 9.89
N SER A 16 9.42 5.54 9.08
CA SER A 16 8.44 5.55 7.98
C SER A 16 6.98 5.40 8.46
N PRO A 17 6.00 5.94 7.72
CA PRO A 17 4.61 5.76 8.11
C PRO A 17 4.15 4.31 8.11
N ARG A 18 4.65 3.49 7.20
CA ARG A 18 4.35 2.05 7.20
C ARG A 18 4.77 1.44 8.52
N THR A 19 6.01 1.71 8.93
CA THR A 19 6.57 1.16 10.17
C THR A 19 5.80 1.63 11.39
N LEU A 20 5.50 2.92 11.42
CA LEU A 20 4.76 3.50 12.56
C LEU A 20 3.45 2.79 12.73
N ASN A 21 2.70 2.72 11.63
CA ASN A 21 1.39 2.11 11.62
C ASN A 21 1.44 0.60 11.87
N ALA A 22 2.44 -0.07 11.30
CA ALA A 22 2.63 -1.50 11.53
C ALA A 22 2.72 -1.81 13.01
N TRP A 23 3.57 -1.07 13.72
CA TRP A 23 3.74 -1.28 15.17
C TRP A 23 2.49 -0.95 15.98
N VAL A 24 1.81 0.12 15.62
CA VAL A 24 0.54 0.47 16.29
C VAL A 24 -0.49 -0.63 16.15
N LYS A 25 -0.64 -1.15 14.93
CA LYS A 25 -1.68 -2.14 14.64
C LYS A 25 -1.43 -3.50 15.27
N VAL A 26 -0.18 -3.97 15.28
CA VAL A 26 0.18 -5.23 15.96
CA VAL A 26 0.13 -5.23 15.96
C VAL A 26 -0.18 -5.17 17.44
N VAL A 27 0.12 -4.05 18.09
CA VAL A 27 -0.19 -3.91 19.50
C VAL A 27 -1.69 -3.83 19.71
N GLU A 28 -2.41 -3.19 18.79
CA GLU A 28 -3.88 -3.15 18.87
C GLU A 28 -4.46 -4.56 18.80
N GLU A 29 -3.99 -5.36 17.84
CA GLU A 29 -4.59 -6.66 17.53
C GLU A 29 -4.10 -7.79 18.45
N LYS A 30 -2.79 -7.86 18.65
CA LYS A 30 -2.17 -8.96 19.39
C LYS A 30 -1.82 -8.62 20.84
N ALA A 31 -2.04 -7.37 21.26
CA ALA A 31 -1.73 -6.92 22.62
C ALA A 31 -0.27 -7.22 22.95
N PHE A 32 0.00 -8.09 23.92
CA PHE A 32 1.37 -8.52 24.22
C PHE A 32 1.48 -10.05 24.23
N SER A 33 1.02 -10.62 23.12
CA SER A 33 1.22 -12.02 22.79
C SER A 33 2.70 -12.18 22.41
N PRO A 34 3.30 -13.37 22.65
CA PRO A 34 4.74 -13.53 22.43
C PRO A 34 5.28 -13.07 21.08
N GLU A 35 4.50 -13.31 20.02
CA GLU A 35 4.91 -12.94 18.66
C GLU A 35 5.03 -11.42 18.40
N VAL A 36 4.49 -10.61 19.30
CA VAL A 36 4.61 -9.16 19.19
C VAL A 36 6.06 -8.70 19.34
N ILE A 37 6.84 -9.41 20.17
CA ILE A 37 8.22 -9.00 20.49
C ILE A 37 9.14 -9.11 19.27
N PRO A 38 9.21 -10.30 18.61
CA PRO A 38 9.97 -10.43 17.36
C PRO A 38 9.64 -9.36 16.34
N MET A 39 8.35 -9.03 16.26
CA MET A 39 7.87 -8.01 15.36
C MET A 39 8.34 -6.61 15.78
N PHE A 40 8.25 -6.31 17.08
CA PHE A 40 8.78 -5.04 17.60
C PHE A 40 10.25 -4.89 17.25
N SER A 41 11.01 -5.94 17.50
CA SER A 41 12.43 -5.94 17.16
C SER A 41 12.65 -5.63 15.67
N ALA A 42 11.88 -6.30 14.81
CA ALA A 42 12.04 -6.21 13.37
C ALA A 42 11.67 -4.84 12.83
N LEU A 43 10.54 -4.31 13.31
CA LEU A 43 10.09 -2.99 12.91
C LEU A 43 10.99 -1.89 13.44
N SER A 44 11.56 -2.10 14.63
CA SER A 44 12.51 -1.16 15.23
C SER A 44 13.96 -1.42 14.81
N CYS A 45 14.16 -2.00 13.61
CA CYS A 45 15.49 -2.30 13.09
C CYS A 45 16.26 -1.01 12.77
N GLY A 46 17.47 -0.91 13.29
CA GLY A 46 18.33 0.25 13.05
C GLY A 46 17.84 1.51 13.74
N ALA A 47 16.99 1.36 14.74
CA ALA A 47 16.35 2.48 15.41
C ALA A 47 17.27 3.18 16.41
N THR A 48 17.23 4.51 16.43
CA THR A 48 17.90 5.28 17.48
C THR A 48 17.06 5.21 18.74
N PRO A 49 17.65 5.53 19.91
CA PRO A 49 16.86 5.57 21.13
C PRO A 49 15.63 6.48 21.07
N GLN A 50 15.74 7.57 20.31
CA GLN A 50 14.62 8.46 20.07
C GLN A 50 13.49 7.70 19.39
N ASP A 51 13.85 6.97 18.33
CA ASP A 51 12.89 6.22 17.51
C ASP A 51 12.22 5.12 18.31
N LEU A 52 13.00 4.46 19.16
CA LEU A 52 12.45 3.46 20.05
C LEU A 52 11.39 4.06 20.97
N ASN A 53 11.69 5.23 21.54
CA ASN A 53 10.70 5.96 22.36
C ASN A 53 9.48 6.39 21.54
N THR A 54 9.70 6.87 20.32
CA THR A 54 8.60 7.20 19.40
C THR A 54 7.66 6.00 19.27
N MET A 55 8.23 4.83 18.98
CA MET A 55 7.42 3.64 18.79
C MET A 55 6.64 3.26 20.06
N LEU A 56 7.29 3.34 21.23
CA LEU A 56 6.59 3.01 22.47
C LEU A 56 5.51 4.04 22.81
N ASN A 57 5.81 5.31 22.54
CA ASN A 57 4.84 6.38 22.77
C ASN A 57 3.62 6.34 21.86
N THR A 58 3.74 5.75 20.67
CA THR A 58 2.59 5.60 19.75
C THR A 58 1.60 4.55 20.21
N VAL A 59 2.00 3.69 21.14
CA VAL A 59 1.07 2.73 21.78
C VAL A 59 0.14 3.48 22.71
N GLY A 60 -1.15 3.22 22.55
CA GLY A 60 -2.21 4.02 23.16
C GLY A 60 -2.73 3.51 24.48
N GLY A 61 -3.04 2.22 24.54
CA GLY A 61 -3.58 1.64 25.77
C GLY A 61 -2.47 1.08 26.63
N HIS A 62 -2.81 0.03 27.37
CA HIS A 62 -1.81 -0.85 28.01
C HIS A 62 -0.83 -0.11 28.92
N GLN A 63 -1.30 0.96 29.55
CA GLN A 63 -0.39 1.83 30.29
C GLN A 63 0.20 1.19 31.56
N ALA A 64 -0.46 0.18 32.09
CA ALA A 64 0.09 -0.65 33.15
C ALA A 64 1.34 -1.33 32.65
N ALA A 65 1.21 -2.04 31.54
CA ALA A 65 2.34 -2.71 30.90
C ALA A 65 3.47 -1.74 30.57
N MET A 66 3.13 -0.59 29.98
CA MET A 66 4.16 0.39 29.60
C MET A 66 4.83 1.00 30.83
N GLN A 67 4.09 1.11 31.92
CA GLN A 67 4.68 1.58 33.18
C GLN A 67 5.65 0.55 33.77
N MET A 68 5.32 -0.73 33.68
CA MET A 68 6.26 -1.80 34.03
C MET A 68 7.53 -1.72 33.19
N LEU A 69 7.36 -1.46 31.90
CA LEU A 69 8.47 -1.33 30.97
C LEU A 69 9.38 -0.17 31.37
N LYS A 70 8.80 0.96 31.75
CA LYS A 70 9.58 2.10 32.27
C LYS A 70 10.50 1.69 33.42
N GLU A 71 9.95 0.94 34.38
CA GLU A 71 10.71 0.50 35.55
C GLU A 71 11.88 -0.40 35.15
N THR A 72 11.63 -1.34 34.23
CA THR A 72 12.71 -2.17 33.70
C THR A 72 13.78 -1.33 33.01
N ILE A 73 13.37 -0.29 32.28
CA ILE A 73 14.33 0.62 31.65
C ILE A 73 15.15 1.37 32.71
N ASN A 74 14.46 1.88 33.73
CA ASN A 74 15.13 2.59 34.84
C ASN A 74 16.10 1.72 35.63
N GLU A 75 15.77 0.44 35.78
CA GLU A 75 16.64 -0.54 36.42
C GLU A 75 17.88 -0.83 35.58
N GLU A 76 17.68 -1.15 34.31
CA GLU A 76 18.80 -1.46 33.39
C GLU A 76 19.70 -0.26 33.15
N ALA A 77 19.13 0.95 33.20
CA ALA A 77 19.92 2.18 33.08
C ALA A 77 20.82 2.43 34.30
N ALA A 78 20.31 2.12 35.49
CA ALA A 78 21.08 2.21 36.74
C ALA A 78 22.21 1.17 36.79
N GLU A 79 21.92 -0.03 36.29
CA GLU A 79 22.90 -1.10 36.18
C GLU A 79 24.04 -0.71 35.23
N TRP A 80 23.71 0.00 34.15
CA TRP A 80 24.71 0.53 33.23
C TRP A 80 25.60 1.55 33.90
N ASP A 81 24.98 2.55 34.55
CA ASP A 81 25.69 3.59 35.32
C ASP A 81 26.68 3.00 36.33
N ARG A 82 26.30 1.89 36.94
CA ARG A 82 27.13 1.18 37.92
C ARG A 82 28.40 0.62 37.28
N LEU A 83 28.25 -0.06 36.16
CA LEU A 83 29.38 -0.70 35.46
C LEU A 83 30.24 0.24 34.58
N HIS A 84 29.72 1.42 34.24
CA HIS A 84 30.41 2.38 33.37
C HIS A 84 30.47 3.78 34.04
N PRO A 85 31.42 3.98 34.99
CA PRO A 85 31.45 5.23 35.77
C PRO A 85 32.13 6.42 35.06
N VAL A 86 31.42 7.56 34.98
CA VAL A 86 31.87 8.74 34.23
C VAL A 86 33.19 9.29 34.78
N HIS A 87 34.18 9.41 33.90
CA HIS A 87 35.54 9.79 34.27
C HIS A 87 36.07 10.90 33.37
N MET A 96 33.63 13.74 22.00
CA MET A 96 32.35 13.09 22.25
C MET A 96 32.36 12.31 23.58
N ARG A 97 31.45 12.67 24.47
CA ARG A 97 31.41 12.15 25.86
C ARG A 97 31.06 10.66 25.92
N GLU A 98 31.15 10.08 27.11
CA GLU A 98 30.89 8.64 27.32
C GLU A 98 29.45 8.45 27.79
N PRO A 99 28.67 7.58 27.11
CA PRO A 99 27.22 7.54 27.34
C PRO A 99 26.81 6.85 28.62
N ARG A 100 26.13 7.58 29.49
CA ARG A 100 25.52 7.03 30.70
C ARG A 100 24.16 6.38 30.37
N GLY A 101 23.55 5.73 31.36
CA GLY A 101 22.31 4.99 31.20
C GLY A 101 21.13 5.82 30.72
N SER A 102 20.98 7.00 31.30
CA SER A 102 19.93 7.94 30.88
C SER A 102 20.11 8.47 29.46
N ASP A 103 21.35 8.46 28.96
CA ASP A 103 21.63 8.84 27.57
C ASP A 103 21.24 7.74 26.58
N ILE A 104 21.40 6.49 27.01
CA ILE A 104 21.03 5.32 26.19
C ILE A 104 19.51 5.20 26.06
N ALA A 105 18.78 5.40 27.15
CA ALA A 105 17.31 5.40 27.12
C ALA A 105 16.69 6.62 26.38
N GLY A 106 17.50 7.65 26.15
CA GLY A 106 17.09 8.81 25.37
C GLY A 106 16.49 9.95 26.17
N THR A 107 16.53 9.86 27.51
CA THR A 107 15.95 10.90 28.37
C THR A 107 16.86 12.12 28.44
N THR A 108 18.17 11.90 28.40
CA THR A 108 19.17 12.97 28.55
C THR A 108 20.24 12.88 27.47
N SER A 109 19.80 12.82 26.22
CA SER A 109 20.72 12.84 25.08
C SER A 109 19.98 13.30 23.83
N THR A 110 20.65 14.12 23.02
CA THR A 110 20.06 14.62 21.79
C THR A 110 20.13 13.57 20.70
N LEU A 111 19.37 13.79 19.64
CA LEU A 111 19.39 12.91 18.47
C LEU A 111 20.77 12.88 17.84
N GLN A 112 21.38 14.06 17.69
CA GLN A 112 22.71 14.16 17.10
C GLN A 112 23.76 13.39 17.91
N GLU A 113 23.62 13.40 19.24
CA GLU A 113 24.48 12.59 20.11
C GLU A 113 24.30 11.09 19.90
N GLN A 114 23.04 10.67 19.76
CA GLN A 114 22.70 9.27 19.54
C GLN A 114 23.22 8.77 18.20
N ILE A 115 23.04 9.58 17.17
CA ILE A 115 23.67 9.36 15.87
C ILE A 115 25.17 9.25 16.07
N GLY A 116 25.71 10.22 16.81
CA GLY A 116 27.12 10.24 17.21
C GLY A 116 27.66 8.90 17.66
N TRP A 117 27.15 8.39 18.78
CA TRP A 117 27.64 7.13 19.38
C TRP A 117 27.50 5.91 18.47
N MET A 118 26.38 5.81 17.75
CA MET A 118 26.09 4.65 16.88
C MET A 118 26.93 4.63 15.61
N THR A 119 27.09 5.80 14.99
CA THR A 119 27.87 5.97 13.77
C THR A 119 29.34 6.23 14.06
N HIS A 120 29.67 6.52 15.32
CA HIS A 120 31.06 6.69 15.76
C HIS A 120 31.88 5.47 15.40
N ASN A 121 33.18 5.68 15.30
CA ASN A 121 34.11 4.59 15.24
C ASN A 121 35.12 4.66 16.40
N PRO A 122 35.18 3.64 17.26
CA PRO A 122 34.36 2.41 17.21
C PRO A 122 32.88 2.66 17.52
N PRO A 123 31.98 1.79 17.02
CA PRO A 123 30.55 2.01 17.24
C PRO A 123 30.13 1.66 18.67
N ILE A 124 29.51 2.61 19.35
CA ILE A 124 28.85 2.40 20.63
C ILE A 124 27.35 2.30 20.30
N PRO A 125 26.83 1.07 20.16
CA PRO A 125 25.48 0.92 19.61
C PRO A 125 24.40 1.14 20.68
N VAL A 126 24.14 2.41 20.99
CA VAL A 126 23.17 2.77 22.03
C VAL A 126 21.77 2.27 21.67
N GLY A 127 21.46 2.25 20.37
CA GLY A 127 20.18 1.76 19.86
C GLY A 127 19.95 0.29 20.12
N GLU A 128 20.95 -0.53 19.80
CA GLU A 128 20.86 -1.97 20.03
C GLU A 128 20.86 -2.34 21.52
N ILE A 129 21.58 -1.56 22.34
CA ILE A 129 21.62 -1.75 23.79
C ILE A 129 20.25 -1.43 24.40
N TYR A 130 19.70 -0.28 24.03
CA TYR A 130 18.40 0.15 24.57
C TYR A 130 17.30 -0.82 24.14
N LYS A 131 17.37 -1.29 22.89
CA LYS A 131 16.42 -2.28 22.40
C LYS A 131 16.48 -3.54 23.25
N ARG A 132 17.70 -3.95 23.62
CA ARG A 132 17.89 -5.11 24.50
C ARG A 132 17.14 -4.93 25.82
N TRP A 133 17.22 -3.73 26.39
CA TRP A 133 16.49 -3.42 27.64
C TRP A 133 14.98 -3.45 27.45
N ILE A 134 14.51 -2.83 26.35
CA ILE A 134 13.09 -2.78 26.05
C ILE A 134 12.54 -4.19 25.89
N ILE A 135 13.21 -4.99 25.08
CA ILE A 135 12.79 -6.39 24.84
C ILE A 135 12.79 -7.16 26.15
N LEU A 136 13.84 -6.97 26.96
CA LEU A 136 13.92 -7.59 28.29
C LEU A 136 12.67 -7.26 29.11
N GLY A 137 12.29 -5.98 29.09
CA GLY A 137 11.07 -5.53 29.77
C GLY A 137 9.80 -6.07 29.16
N LEU A 138 9.73 -6.09 27.83
CA LEU A 138 8.58 -6.63 27.12
C LEU A 138 8.38 -8.11 27.43
N ASN A 139 9.48 -8.85 27.55
CA ASN A 139 9.41 -10.26 27.90
C ASN A 139 8.76 -10.46 29.27
N LYS A 140 9.15 -9.64 30.24
CA LYS A 140 8.49 -9.67 31.55
C LYS A 140 6.98 -9.41 31.46
N ILE A 141 6.58 -8.49 30.59
CA ILE A 141 5.17 -8.20 30.35
C ILE A 141 4.48 -9.42 29.72
N VAL A 142 5.13 -10.05 28.74
CA VAL A 142 4.57 -11.26 28.10
C VAL A 142 4.37 -12.34 29.15
N ARG A 143 5.37 -12.51 30.02
CA ARG A 143 5.38 -13.56 31.03
C ARG A 143 4.29 -13.36 32.09
N MET A 144 3.99 -12.11 32.45
CA MET A 144 2.95 -11.83 33.44
C MET A 144 1.56 -11.98 32.86
N TYR A 145 1.34 -11.40 31.69
CA TYR A 145 0.04 -11.46 31.02
C TYR A 145 -0.28 -12.89 30.49
N SER A 146 0.71 -13.80 30.48
CA SER A 146 0.49 -15.23 30.21
C SER A 146 -0.56 -15.81 31.16
N PRO A 147 -1.71 -16.24 30.61
CA PRO A 147 -2.79 -16.65 31.50
C PRO A 147 -2.54 -17.98 32.23
N THR A 148 -2.28 -19.05 31.48
CA THR A 148 -2.19 -20.42 32.02
C THR A 148 -0.74 -20.85 32.31
N SER A 149 -0.58 -21.73 33.30
CA SER A 149 0.71 -22.38 33.61
C SER A 149 0.86 -23.66 32.82
N ILE A 150 2.11 -24.03 32.52
CA ILE A 150 2.44 -25.27 31.76
C ILE A 150 1.89 -26.56 32.40
N LEU A 151 1.83 -26.57 33.73
CA LEU A 151 1.35 -27.74 34.48
C LEU A 151 -0.15 -27.97 34.30
N ASP A 152 -0.91 -26.89 34.07
CA ASP A 152 -2.36 -26.97 33.88
C ASP A 152 -2.80 -27.30 32.43
N ILE A 153 -1.85 -27.40 31.50
CA ILE A 153 -2.15 -27.81 30.13
C ILE A 153 -2.18 -29.33 30.07
N ARG A 154 -3.39 -29.88 30.14
CA ARG A 154 -3.64 -31.33 30.12
C ARG A 154 -4.58 -31.63 28.95
N GLN A 155 -4.32 -32.72 28.23
CA GLN A 155 -5.11 -33.08 27.06
C GLN A 155 -6.51 -33.56 27.45
N GLY A 156 -7.52 -33.04 26.76
CA GLY A 156 -8.92 -33.39 27.04
C GLY A 156 -9.24 -34.80 26.59
N PRO A 157 -10.40 -35.34 27.01
CA PRO A 157 -10.75 -36.71 26.65
C PRO A 157 -10.97 -36.90 25.15
N LYS A 158 -11.76 -36.01 24.55
CA LYS A 158 -12.04 -36.04 23.12
C LYS A 158 -11.23 -35.01 22.31
N GLU A 159 -10.21 -34.42 22.94
CA GLU A 159 -9.36 -33.41 22.27
C GLU A 159 -8.32 -34.10 21.41
N PRO A 160 -8.12 -33.63 20.16
CA PRO A 160 -7.03 -34.15 19.33
C PRO A 160 -5.67 -33.85 19.94
N PHE A 161 -4.69 -34.72 19.67
CA PHE A 161 -3.33 -34.52 20.19
C PHE A 161 -2.74 -33.25 19.59
N ARG A 162 -2.90 -33.09 18.28
CA ARG A 162 -2.50 -31.88 17.56
C ARG A 162 -2.87 -30.60 18.31
N ASP A 163 -4.14 -30.50 18.73
CA ASP A 163 -4.64 -29.31 19.43
C ASP A 163 -4.02 -29.14 20.81
N TYR A 164 -3.77 -30.25 21.48
CA TYR A 164 -3.10 -30.24 22.78
C TYR A 164 -1.65 -29.77 22.65
N VAL A 165 -0.95 -30.25 21.64
CA VAL A 165 0.47 -29.88 21.43
C VAL A 165 0.56 -28.39 21.12
N ASP A 166 -0.36 -27.88 20.31
CA ASP A 166 -0.49 -26.43 20.06
C ASP A 166 -0.64 -25.68 21.38
N ARG A 167 -1.60 -26.09 22.21
CA ARG A 167 -1.81 -25.45 23.51
C ARG A 167 -0.60 -25.58 24.45
N PHE A 168 0.09 -26.71 24.38
CA PHE A 168 1.26 -26.96 25.22
C PHE A 168 2.35 -25.96 24.89
N TYR A 169 2.84 -26.00 23.65
CA TYR A 169 3.99 -25.20 23.26
C TYR A 169 3.69 -23.69 23.13
N LYS A 170 2.41 -23.32 23.00
CA LYS A 170 2.01 -21.92 23.08
C LYS A 170 2.25 -21.44 24.49
N THR A 171 1.78 -22.23 25.47
CA THR A 171 1.93 -21.90 26.89
C THR A 171 3.39 -21.91 27.30
N LEU A 172 4.16 -22.84 26.72
CA LEU A 172 5.59 -22.93 27.00
C LEU A 172 6.34 -21.68 26.52
N ARG A 173 5.97 -21.17 25.34
CA ARG A 173 6.58 -19.97 24.79
C ARG A 173 6.33 -18.73 25.63
N ALA A 174 5.11 -18.56 26.13
CA ALA A 174 4.77 -17.38 26.94
C ALA A 174 5.44 -17.35 28.29
N GLU A 175 5.63 -18.52 28.89
CA GLU A 175 6.17 -18.58 30.23
C GLU A 175 7.66 -18.46 30.15
N GLN A 176 8.28 -19.07 29.15
CA GLN A 176 9.72 -18.86 28.91
C GLN A 176 9.98 -17.63 28.01
N ALA A 177 8.90 -17.08 27.45
CA ALA A 177 8.85 -15.70 26.88
C ALA A 177 9.66 -15.64 25.54
N SER A 178 9.49 -16.72 24.78
CA SER A 178 10.19 -17.01 23.52
C SER A 178 11.69 -17.39 23.72
N GLN A 179 12.04 -17.90 24.90
CA GLN A 179 13.43 -18.27 25.23
C GLN A 179 13.56 -19.74 25.71
N GLU A 180 14.57 -20.46 25.23
CA GLU A 180 14.73 -21.91 25.51
C GLU A 180 15.34 -22.18 26.90
N ALA A 185 13.44 -31.75 30.34
CA ALA A 185 12.29 -32.10 31.21
C ALA A 185 10.92 -31.80 30.60
N THR A 186 10.82 -30.67 29.90
CA THR A 186 9.59 -30.27 29.22
C THR A 186 9.05 -31.25 28.16
N GLU A 187 9.93 -31.91 27.39
CA GLU A 187 9.52 -32.89 26.37
C GLU A 187 8.84 -34.12 27.00
N THR A 188 9.33 -34.56 28.16
CA THR A 188 8.74 -35.69 28.91
C THR A 188 7.40 -35.34 29.56
N LEU A 189 7.24 -34.08 29.98
CA LEU A 189 5.95 -33.57 30.51
C LEU A 189 4.84 -33.59 29.47
N LEU A 190 5.13 -33.18 28.24
CA LEU A 190 4.19 -33.33 27.12
C LEU A 190 3.53 -34.71 27.07
N VAL A 191 4.30 -35.75 27.33
CA VAL A 191 3.80 -37.14 27.34
C VAL A 191 2.93 -37.37 28.57
N GLN A 192 3.41 -36.93 29.74
CA GLN A 192 2.68 -37.02 31.04
C GLN A 192 1.26 -36.47 30.95
N ASN A 193 1.12 -35.20 30.57
CA ASN A 193 -0.20 -34.55 30.50
C ASN A 193 -1.10 -34.94 29.31
N ALA A 194 -0.67 -35.87 28.46
CA ALA A 194 -1.54 -36.45 27.42
C ALA A 194 -2.63 -37.32 28.03
N ASN A 195 -3.70 -37.56 27.27
CA ASN A 195 -4.82 -38.36 27.75
C ASN A 195 -4.47 -39.86 27.81
N PRO A 196 -5.21 -40.65 28.61
CA PRO A 196 -4.87 -42.07 28.78
C PRO A 196 -4.67 -42.88 27.50
N ASP A 197 -5.49 -42.63 26.47
CA ASP A 197 -5.40 -43.38 25.20
C ASP A 197 -4.13 -43.04 24.42
N CYS A 198 -3.89 -41.74 24.20
CA CYS A 198 -2.66 -41.30 23.53
CA CYS A 198 -2.70 -41.24 23.52
C CYS A 198 -1.44 -41.60 24.35
N LYS A 199 -1.47 -41.29 25.65
CA LYS A 199 -0.34 -41.58 26.56
C LYS A 199 0.18 -43.02 26.44
N THR A 200 -0.74 -43.99 26.36
CA THR A 200 -0.37 -45.41 26.20
C THR A 200 0.33 -45.66 24.85
N ILE A 201 -0.16 -45.00 23.80
CA ILE A 201 0.45 -45.10 22.46
C ILE A 201 1.83 -44.40 22.43
N LEU A 202 1.94 -43.27 23.15
CA LEU A 202 3.19 -42.51 23.20
C LEU A 202 4.32 -43.22 23.96
N LYS A 203 3.98 -43.81 25.11
CA LYS A 203 4.95 -44.61 25.89
C LYS A 203 5.45 -45.82 25.09
N ALA A 204 4.58 -46.41 24.26
CA ALA A 204 4.94 -47.54 23.39
C ALA A 204 5.98 -47.21 22.31
N LEU A 205 6.04 -45.95 21.87
CA LEU A 205 7.09 -45.50 20.93
C LEU A 205 8.49 -45.52 21.57
N GLY A 206 8.54 -45.38 22.89
CA GLY A 206 9.79 -45.48 23.63
C GLY A 206 10.50 -44.14 23.74
N PRO A 207 11.62 -44.11 24.48
CA PRO A 207 12.37 -42.85 24.69
C PRO A 207 12.96 -42.25 23.41
N GLY A 208 13.16 -40.93 23.42
CA GLY A 208 13.80 -40.21 22.32
C GLY A 208 13.00 -40.07 21.04
N ALA A 209 11.68 -40.19 21.12
CA ALA A 209 10.81 -40.09 19.93
C ALA A 209 10.61 -38.63 19.52
N THR A 210 10.62 -38.37 18.20
CA THR A 210 10.38 -37.01 17.67
C THR A 210 8.91 -36.66 17.72
N LEU A 211 8.62 -35.37 17.83
CA LEU A 211 7.25 -34.84 17.87
C LEU A 211 6.47 -35.24 16.63
N GLU A 212 7.14 -35.26 15.48
CA GLU A 212 6.54 -35.78 14.25
C GLU A 212 5.97 -37.19 14.47
N GLU A 213 6.81 -38.10 14.97
CA GLU A 213 6.42 -39.49 15.21
C GLU A 213 5.29 -39.61 16.24
N MET A 214 5.39 -38.83 17.31
CA MET A 214 4.38 -38.79 18.37
C MET A 214 3.02 -38.35 17.84
N MET A 215 3.03 -37.29 17.04
CA MET A 215 1.79 -36.75 16.45
C MET A 215 1.18 -37.70 15.44
N THR A 216 2.03 -38.30 14.60
CA THR A 216 1.60 -39.30 13.63
C THR A 216 0.91 -40.48 14.32
N ALA A 217 1.46 -40.88 15.47
CA ALA A 217 0.93 -42.01 16.24
C ALA A 217 -0.48 -41.77 16.79
N CYS A 218 -0.73 -40.59 17.35
CA CYS A 218 -2.04 -40.25 17.92
C CYS A 218 -2.92 -39.43 16.95
N GLN A 219 -3.20 -40.00 15.78
CA GLN A 219 -3.89 -39.28 14.71
C GLN A 219 -5.15 -39.99 14.26
N PRO B 1 17.11 -8.85 4.58
CA PRO B 1 17.97 -9.53 3.62
C PRO B 1 19.35 -8.84 3.48
N ILE B 2 19.86 -8.60 2.28
CA ILE B 2 21.28 -8.29 2.09
C ILE B 2 21.51 -7.24 0.98
N VAL B 3 22.34 -6.23 1.28
CA VAL B 3 22.69 -5.15 0.32
C VAL B 3 24.13 -4.68 0.46
N GLN B 4 24.65 -4.12 -0.63
CA GLN B 4 25.91 -3.39 -0.61
C GLN B 4 25.54 -1.90 -0.45
N ASN B 5 26.16 -1.25 0.54
CA ASN B 5 25.94 0.18 0.81
C ASN B 5 26.71 1.10 -0.17
N LEU B 6 26.66 2.41 0.05
CA LEU B 6 27.47 3.35 -0.74
C LEU B 6 28.96 3.27 -0.38
N GLN B 7 29.27 2.87 0.85
CA GLN B 7 30.66 2.65 1.30
C GLN B 7 31.38 1.42 0.72
N GLY B 8 30.67 0.54 -0.01
CA GLY B 8 31.31 -0.63 -0.62
C GLY B 8 31.09 -1.95 0.10
N GLN B 9 31.12 -1.93 1.44
CA GLN B 9 30.93 -3.15 2.25
C GLN B 9 29.48 -3.62 2.15
N MET B 10 29.28 -4.93 2.25
CA MET B 10 27.95 -5.52 2.22
C MET B 10 27.37 -5.53 3.64
N VAL B 11 26.15 -4.99 3.77
CA VAL B 11 25.47 -4.85 5.07
C VAL B 11 24.00 -5.31 5.03
N HIS B 12 23.47 -5.56 6.21
CA HIS B 12 22.11 -6.10 6.38
C HIS B 12 21.09 -5.04 6.03
N GLN B 13 20.28 -5.30 4.99
CA GLN B 13 19.08 -4.50 4.72
C GLN B 13 17.99 -4.95 5.65
N CYS B 14 17.37 -4.00 6.35
CA CYS B 14 16.28 -4.31 7.28
C CYS B 14 15.11 -4.91 6.54
N ILE B 15 14.62 -6.03 7.04
CA ILE B 15 13.45 -6.72 6.47
C ILE B 15 12.22 -5.80 6.51
N SER B 16 11.53 -5.64 5.38
CA SER B 16 10.55 -4.55 5.20
C SER B 16 9.22 -4.82 5.90
N PRO B 17 8.50 -3.76 6.31
CA PRO B 17 7.21 -3.98 6.96
C PRO B 17 6.19 -4.67 6.08
N ARG B 18 6.21 -4.39 4.77
CA ARG B 18 5.33 -5.11 3.82
C ARG B 18 5.59 -6.59 3.90
N THR B 19 6.86 -6.99 3.82
CA THR B 19 7.25 -8.40 3.86
C THR B 19 6.88 -9.06 5.16
N LEU B 20 7.16 -8.39 6.28
CA LEU B 20 6.85 -8.92 7.60
C LEU B 20 5.38 -9.23 7.70
N ASN B 21 4.56 -8.24 7.37
CA ASN B 21 3.12 -8.33 7.44
C ASN B 21 2.54 -9.32 6.43
N ALA B 22 3.10 -9.33 5.23
CA ALA B 22 2.70 -10.31 4.22
C ALA B 22 2.79 -11.73 4.74
N TRP B 23 3.93 -12.09 5.32
CA TRP B 23 4.15 -13.43 5.85
C TRP B 23 3.24 -13.75 7.03
N VAL B 24 3.04 -12.79 7.92
CA VAL B 24 2.14 -12.99 9.06
C VAL B 24 0.74 -13.30 8.57
N LYS B 25 0.26 -12.52 7.59
CA LYS B 25 -1.13 -12.60 7.13
C LYS B 25 -1.44 -13.87 6.36
N VAL B 26 -0.52 -14.32 5.51
CA VAL B 26 -0.67 -15.60 4.81
CA VAL B 26 -0.70 -15.60 4.82
C VAL B 26 -0.81 -16.76 5.79
N VAL B 27 0.01 -16.76 6.82
CA VAL B 27 -0.06 -17.84 7.82
C VAL B 27 -1.37 -17.73 8.61
N GLU B 28 -1.84 -16.51 8.88
CA GLU B 28 -3.13 -16.34 9.56
C GLU B 28 -4.26 -16.91 8.71
N GLU B 29 -4.27 -16.58 7.43
CA GLU B 29 -5.41 -16.92 6.54
C GLU B 29 -5.36 -18.33 5.97
N LYS B 30 -4.20 -18.73 5.48
CA LYS B 30 -4.01 -20.03 4.84
C LYS B 30 -3.42 -21.14 5.73
N ALA B 31 -3.05 -20.81 6.97
CA ALA B 31 -2.43 -21.78 7.90
C ALA B 31 -1.22 -22.43 7.25
N PHE B 32 -1.25 -23.74 7.03
CA PHE B 32 -0.17 -24.41 6.32
C PHE B 32 -0.73 -25.22 5.14
N SER B 33 -1.50 -24.51 4.32
CA SER B 33 -1.96 -25.00 3.04
C SER B 33 -0.74 -24.99 2.09
N PRO B 34 -0.71 -25.90 1.09
CA PRO B 34 0.50 -26.05 0.25
C PRO B 34 1.06 -24.76 -0.34
N GLU B 35 0.17 -23.86 -0.77
CA GLU B 35 0.57 -22.60 -1.39
C GLU B 35 1.31 -21.61 -0.48
N VAL B 36 1.27 -21.85 0.83
CA VAL B 36 1.97 -21.01 1.79
C VAL B 36 3.48 -21.13 1.62
N ILE B 37 3.96 -22.31 1.22
CA ILE B 37 5.41 -22.59 1.14
C ILE B 37 6.08 -21.78 0.02
N PRO B 38 5.56 -21.85 -1.22
CA PRO B 38 6.07 -20.99 -2.30
C PRO B 38 6.13 -19.52 -1.93
N MET B 39 5.10 -19.09 -1.21
CA MET B 39 5.02 -17.72 -0.73
C MET B 39 6.08 -17.43 0.34
N PHE B 40 6.25 -18.34 1.29
CA PHE B 40 7.31 -18.19 2.28
C PHE B 40 8.65 -18.02 1.60
N SER B 41 8.94 -18.91 0.64
CA SER B 41 10.19 -18.86 -0.09
C SER B 41 10.37 -17.49 -0.75
N ALA B 42 9.30 -16.99 -1.38
CA ALA B 42 9.35 -15.77 -2.16
C ALA B 42 9.53 -14.54 -1.27
N LEU B 43 8.79 -14.50 -0.16
CA LEU B 43 8.90 -13.40 0.79
C LEU B 43 10.24 -13.41 1.51
N SER B 44 10.78 -14.60 1.76
CA SER B 44 12.09 -14.76 2.41
C SER B 44 13.25 -14.75 1.40
N CYS B 45 13.07 -14.08 0.26
CA CYS B 45 14.08 -14.03 -0.79
C CYS B 45 15.29 -13.20 -0.33
N GLY B 46 16.48 -13.78 -0.47
CA GLY B 46 17.72 -13.11 -0.08
C GLY B 46 17.90 -12.96 1.42
N ALA B 47 17.18 -13.76 2.18
CA ALA B 47 17.13 -13.61 3.62
C ALA B 47 18.35 -14.21 4.28
N THR B 48 18.89 -13.53 5.29
CA THR B 48 19.92 -14.11 6.16
C THR B 48 19.25 -15.09 7.13
N PRO B 49 20.04 -15.99 7.74
CA PRO B 49 19.47 -16.88 8.75
C PRO B 49 18.74 -16.17 9.90
N GLN B 50 19.23 -14.99 10.27
CA GLN B 50 18.55 -14.14 11.26
C GLN B 50 17.15 -13.78 10.79
N ASP B 51 17.06 -13.31 9.55
CA ASP B 51 15.80 -12.89 8.95
C ASP B 51 14.83 -14.04 8.85
N LEU B 52 15.34 -15.22 8.49
CA LEU B 52 14.49 -16.41 8.43
C LEU B 52 13.87 -16.70 9.80
N ASN B 53 14.68 -16.62 10.85
CA ASN B 53 14.20 -16.78 12.21
C ASN B 53 13.21 -15.68 12.60
N THR B 54 13.50 -14.44 12.21
CA THR B 54 12.56 -13.34 12.44
C THR B 54 11.19 -13.71 11.85
N MET B 55 11.17 -14.13 10.60
CA MET B 55 9.92 -14.48 9.94
C MET B 55 9.19 -15.63 10.64
N LEU B 56 9.92 -16.67 11.05
CA LEU B 56 9.27 -17.78 11.76
C LEU B 56 8.78 -17.36 13.16
N ASN B 57 9.56 -16.52 13.83
CA ASN B 57 9.17 -16.01 15.14
C ASN B 57 7.95 -15.09 15.12
N THR B 58 7.69 -14.43 14.00
CA THR B 58 6.51 -13.55 13.89
C THR B 58 5.22 -14.33 13.78
N VAL B 59 5.31 -15.63 13.46
CA VAL B 59 4.14 -16.52 13.45
C VAL B 59 3.71 -16.77 14.90
N GLY B 60 2.43 -16.57 15.15
CA GLY B 60 1.88 -16.50 16.50
C GLY B 60 1.32 -17.79 17.05
N GLY B 61 0.50 -18.45 16.26
CA GLY B 61 -0.10 -19.70 16.70
C GLY B 61 0.73 -20.88 16.28
N HIS B 62 0.07 -22.01 16.03
CA HIS B 62 0.65 -23.13 15.31
C HIS B 62 1.95 -23.66 15.94
N GLN B 63 2.06 -23.58 17.26
CA GLN B 63 3.32 -23.89 17.93
C GLN B 63 3.70 -25.38 17.88
N ALA B 64 2.71 -26.25 17.69
CA ALA B 64 2.98 -27.66 17.42
C ALA B 64 3.75 -27.80 16.13
N ALA B 65 3.22 -27.20 15.07
CA ALA B 65 3.89 -27.19 13.78
C ALA B 65 5.29 -26.58 13.84
N MET B 66 5.42 -25.44 14.52
CA MET B 66 6.72 -24.76 14.61
C MET B 66 7.70 -25.59 15.43
N GLN B 67 7.20 -26.34 16.42
CA GLN B 67 8.06 -27.24 17.17
C GLN B 67 8.55 -28.42 16.32
N MET B 68 7.69 -28.98 15.48
CA MET B 68 8.10 -29.96 14.49
C MET B 68 9.18 -29.41 13.57
N LEU B 69 9.01 -28.15 13.15
CA LEU B 69 9.98 -27.48 12.29
C LEU B 69 11.33 -27.35 12.98
N LYS B 70 11.33 -27.01 14.27
CA LYS B 70 12.57 -26.97 15.06
C LYS B 70 13.33 -28.29 15.02
N GLU B 71 12.62 -29.41 15.18
CA GLU B 71 13.22 -30.75 15.14
C GLU B 71 13.84 -31.07 13.78
N THR B 72 13.13 -30.73 12.70
CA THR B 72 13.68 -30.86 11.35
C THR B 72 14.93 -30.00 11.17
N ILE B 73 14.94 -28.79 11.72
CA ILE B 73 16.14 -27.94 11.68
C ILE B 73 17.29 -28.58 12.44
N ASN B 74 17.01 -29.07 13.64
CA ASN B 74 18.02 -29.73 14.49
C ASN B 74 18.61 -30.98 13.85
N GLU B 75 17.77 -31.71 13.12
CA GLU B 75 18.20 -32.91 12.38
C GLU B 75 19.10 -32.55 11.22
N GLU B 76 18.65 -31.61 10.38
CA GLU B 76 19.45 -31.16 9.22
C GLU B 76 20.75 -30.46 9.62
N ALA B 77 20.76 -29.80 10.78
CA ALA B 77 21.97 -29.18 11.31
C ALA B 77 23.00 -30.21 11.76
N ALA B 78 22.52 -31.30 12.38
CA ALA B 78 23.40 -32.42 12.79
C ALA B 78 23.97 -33.18 11.60
N GLU B 79 23.16 -33.34 10.56
CA GLU B 79 23.59 -33.93 9.29
C GLU B 79 24.68 -33.09 8.62
N TRP B 80 24.57 -31.77 8.71
CA TRP B 80 25.60 -30.86 8.21
C TRP B 80 26.90 -31.03 8.98
N ASP B 81 26.83 -30.97 10.30
CA ASP B 81 27.99 -31.18 11.20
C ASP B 81 28.74 -32.47 10.89
N ARG B 82 27.98 -33.52 10.55
CA ARG B 82 28.54 -34.82 10.21
C ARG B 82 29.39 -34.77 8.93
N LEU B 83 28.84 -34.15 7.88
CA LEU B 83 29.52 -34.06 6.57
C LEU B 83 30.59 -32.96 6.45
N HIS B 84 30.59 -31.98 7.37
CA HIS B 84 31.53 -30.85 7.35
C HIS B 84 32.24 -30.70 8.70
N PRO B 85 33.29 -31.52 8.97
CA PRO B 85 33.93 -31.54 10.30
C PRO B 85 34.97 -30.44 10.52
N VAL B 86 34.82 -29.68 11.62
CA VAL B 86 35.68 -28.52 11.92
C VAL B 86 37.14 -28.90 12.06
N HIS B 87 38.00 -28.25 11.28
CA HIS B 87 39.42 -28.59 11.18
C HIS B 87 40.28 -27.34 11.31
N ARG B 97 35.98 -18.24 9.86
CA ARG B 97 35.84 -19.65 10.20
C ARG B 97 34.89 -20.40 9.26
N GLU B 98 34.84 -21.73 9.42
CA GLU B 98 34.02 -22.60 8.58
C GLU B 98 32.68 -22.88 9.28
N PRO B 99 31.53 -22.61 8.60
CA PRO B 99 30.23 -22.62 9.28
C PRO B 99 29.69 -24.01 9.60
N ARG B 100 29.47 -24.26 10.89
CA ARG B 100 28.81 -25.48 11.37
C ARG B 100 27.30 -25.34 11.26
N GLY B 101 26.58 -26.44 11.55
CA GLY B 101 25.11 -26.49 11.44
C GLY B 101 24.35 -25.48 12.29
N SER B 102 24.78 -25.31 13.54
CA SER B 102 24.20 -24.33 14.45
C SER B 102 24.46 -22.88 14.02
N ASP B 103 25.52 -22.65 13.23
CA ASP B 103 25.77 -21.32 12.65
C ASP B 103 24.84 -21.01 11.47
N ILE B 104 24.52 -22.05 10.68
CA ILE B 104 23.61 -21.92 9.55
C ILE B 104 22.18 -21.62 10.00
N ALA B 105 21.71 -22.33 11.02
CA ALA B 105 20.38 -22.08 11.63
C ALA B 105 20.27 -20.75 12.38
N GLY B 106 21.42 -20.13 12.71
CA GLY B 106 21.44 -18.80 13.31
C GLY B 106 21.46 -18.80 14.83
N THR B 107 21.59 -19.97 15.45
CA THR B 107 21.61 -20.07 16.92
C THR B 107 22.97 -19.63 17.50
N THR B 108 24.06 -19.92 16.78
CA THR B 108 25.42 -19.64 17.25
C THR B 108 26.24 -18.93 16.18
N SER B 109 25.68 -17.84 15.64
CA SER B 109 26.40 -17.01 14.67
C SER B 109 25.82 -15.60 14.67
N THR B 110 26.70 -14.61 14.56
CA THR B 110 26.25 -13.20 14.50
C THR B 110 25.77 -12.86 13.11
N LEU B 111 25.07 -11.73 13.02
CA LEU B 111 24.58 -11.21 11.74
C LEU B 111 25.75 -10.89 10.83
N GLN B 112 26.78 -10.26 11.38
CA GLN B 112 27.98 -9.91 10.60
C GLN B 112 28.68 -11.15 10.03
N GLU B 113 28.69 -12.25 10.78
CA GLU B 113 29.20 -13.53 10.30
C GLU B 113 28.37 -14.11 9.15
N GLN B 114 27.05 -14.01 9.28
CA GLN B 114 26.12 -14.51 8.26
C GLN B 114 26.26 -13.73 6.96
N ILE B 115 26.33 -12.41 7.10
CA ILE B 115 26.66 -11.51 5.98
C ILE B 115 27.99 -11.98 5.40
N GLY B 116 28.96 -12.18 6.28
CA GLY B 116 30.28 -12.73 5.94
C GLY B 116 30.22 -13.87 4.95
N TRP B 117 29.66 -15.00 5.38
CA TRP B 117 29.63 -16.23 4.57
C TRP B 117 28.91 -16.08 3.23
N MET B 118 27.79 -15.35 3.23
CA MET B 118 26.94 -15.20 2.03
C MET B 118 27.57 -14.27 1.00
N THR B 119 28.14 -13.17 1.49
CA THR B 119 28.79 -12.17 0.63
C THR B 119 30.27 -12.49 0.38
N HIS B 120 30.82 -13.46 1.12
CA HIS B 120 32.19 -13.95 0.90
C HIS B 120 32.36 -14.41 -0.53
N ASN B 121 33.62 -14.40 -0.98
CA ASN B 121 33.98 -15.02 -2.22
C ASN B 121 35.03 -16.12 -1.95
N PRO B 122 34.73 -17.39 -2.25
CA PRO B 122 33.47 -17.86 -2.85
C PRO B 122 32.27 -17.78 -1.89
N PRO B 123 31.05 -17.67 -2.43
CA PRO B 123 29.88 -17.54 -1.57
C PRO B 123 29.49 -18.87 -0.91
N ILE B 124 29.41 -18.84 0.43
CA ILE B 124 28.85 -19.94 1.23
C ILE B 124 27.43 -19.49 1.60
N PRO B 125 26.41 -19.94 0.82
CA PRO B 125 25.08 -19.34 0.96
C PRO B 125 24.32 -19.96 2.13
N VAL B 126 24.66 -19.52 3.35
CA VAL B 126 24.03 -20.05 4.56
C VAL B 126 22.53 -19.80 4.58
N GLY B 127 22.11 -18.67 4.00
CA GLY B 127 20.70 -18.30 3.89
C GLY B 127 19.90 -19.25 3.02
N GLU B 128 20.42 -19.55 1.84
CA GLU B 128 19.75 -20.49 0.92
C GLU B 128 19.75 -21.93 1.45
N ILE B 129 20.80 -22.31 2.16
CA ILE B 129 20.90 -23.65 2.79
C ILE B 129 19.87 -23.79 3.91
N TYR B 130 19.82 -22.81 4.81
CA TYR B 130 18.88 -22.83 5.93
C TYR B 130 17.43 -22.78 5.43
N LYS B 131 17.17 -22.00 4.39
CA LYS B 131 15.86 -21.97 3.77
C LYS B 131 15.45 -23.35 3.26
N ARG B 132 16.41 -24.05 2.65
CA ARG B 132 16.17 -25.42 2.19
C ARG B 132 15.71 -26.33 3.33
N TRP B 133 16.35 -26.20 4.49
CA TRP B 133 15.95 -26.99 5.68
C TRP B 133 14.57 -26.60 6.17
N ILE B 134 14.29 -25.30 6.24
CA ILE B 134 13.00 -24.79 6.71
C ILE B 134 11.89 -25.31 5.80
N ILE B 135 12.06 -25.13 4.49
CA ILE B 135 11.08 -25.60 3.51
C ILE B 135 10.87 -27.11 3.63
N LEU B 136 11.97 -27.84 3.77
CA LEU B 136 11.90 -29.29 4.00
C LEU B 136 11.02 -29.63 5.20
N GLY B 137 11.22 -28.90 6.29
CA GLY B 137 10.39 -29.04 7.48
C GLY B 137 8.94 -28.61 7.26
N LEU B 138 8.74 -27.49 6.55
CA LEU B 138 7.40 -26.99 6.27
C LEU B 138 6.62 -27.97 5.42
N ASN B 139 7.28 -28.62 4.47
CA ASN B 139 6.63 -29.64 3.67
C ASN B 139 6.09 -30.78 4.52
N LYS B 140 6.90 -31.23 5.49
CA LYS B 140 6.44 -32.27 6.44
C LYS B 140 5.17 -31.83 7.18
N ILE B 141 5.13 -30.56 7.53
CA ILE B 141 3.98 -29.98 8.22
C ILE B 141 2.78 -29.96 7.29
N VAL B 142 2.99 -29.58 6.03
CA VAL B 142 1.90 -29.57 5.05
C VAL B 142 1.32 -30.96 4.91
N ARG B 143 2.19 -31.97 4.83
CA ARG B 143 1.77 -33.35 4.61
C ARG B 143 0.96 -33.90 5.77
N MET B 144 1.32 -33.52 7.00
CA MET B 144 0.60 -34.03 8.16
C MET B 144 -0.74 -33.36 8.35
N TYR B 145 -0.75 -32.04 8.25
CA TYR B 145 -1.98 -31.25 8.43
C TYR B 145 -2.97 -31.42 7.27
N SER B 146 -2.53 -32.05 6.17
CA SER B 146 -3.45 -32.46 5.09
C SER B 146 -4.63 -33.27 5.62
N PRO B 147 -5.86 -32.73 5.51
CA PRO B 147 -6.99 -33.37 6.22
C PRO B 147 -7.44 -34.68 5.60
N THR B 148 -7.76 -34.64 4.30
CA THR B 148 -8.33 -35.78 3.60
C THR B 148 -7.25 -36.60 2.87
N SER B 149 -7.50 -37.90 2.78
CA SER B 149 -6.65 -38.80 2.00
C SER B 149 -7.16 -38.86 0.56
N ILE B 150 -6.23 -39.12 -0.36
CA ILE B 150 -6.55 -39.25 -1.78
C ILE B 150 -7.61 -40.33 -2.09
N LEU B 151 -7.61 -41.39 -1.29
CA LEU B 151 -8.54 -42.52 -1.47
C LEU B 151 -9.99 -42.13 -1.16
N ASP B 152 -10.17 -41.18 -0.25
CA ASP B 152 -11.51 -40.71 0.17
C ASP B 152 -12.10 -39.62 -0.74
N ILE B 153 -11.35 -39.16 -1.74
CA ILE B 153 -11.87 -38.20 -2.72
C ILE B 153 -12.59 -38.97 -3.82
N ARG B 154 -13.91 -39.04 -3.68
CA ARG B 154 -14.80 -39.75 -4.62
C ARG B 154 -15.81 -38.75 -5.16
N GLN B 155 -16.12 -38.84 -6.45
CA GLN B 155 -17.05 -37.91 -7.10
C GLN B 155 -18.48 -38.14 -6.64
N GLY B 156 -19.18 -37.06 -6.29
CA GLY B 156 -20.56 -37.15 -5.84
C GLY B 156 -21.52 -37.48 -6.98
N PRO B 157 -22.77 -37.84 -6.65
CA PRO B 157 -23.74 -38.21 -7.70
C PRO B 157 -24.08 -37.05 -8.63
N LYS B 158 -24.40 -35.88 -8.06
CA LYS B 158 -24.72 -34.67 -8.83
C LYS B 158 -23.56 -33.66 -8.87
N GLU B 159 -22.36 -34.09 -8.49
CA GLU B 159 -21.17 -33.23 -8.52
C GLU B 159 -20.61 -33.16 -9.95
N PRO B 160 -20.30 -31.94 -10.45
CA PRO B 160 -19.57 -31.82 -11.73
C PRO B 160 -18.19 -32.48 -11.68
N PHE B 161 -17.71 -32.97 -12.82
CA PHE B 161 -16.39 -33.59 -12.90
C PHE B 161 -15.31 -32.57 -12.60
N ARG B 162 -15.43 -31.39 -13.21
CA ARG B 162 -14.54 -30.25 -12.94
C ARG B 162 -14.26 -30.06 -11.44
N ASP B 163 -15.32 -30.03 -10.63
CA ASP B 163 -15.20 -29.83 -9.19
C ASP B 163 -14.51 -30.99 -8.48
N TYR B 164 -14.78 -32.20 -8.95
CA TYR B 164 -14.12 -33.40 -8.43
C TYR B 164 -12.62 -33.40 -8.74
N VAL B 165 -12.26 -33.02 -9.96
CA VAL B 165 -10.85 -32.97 -10.37
C VAL B 165 -10.09 -31.95 -9.55
N ASP B 166 -10.71 -30.79 -9.31
CA ASP B 166 -10.18 -29.79 -8.39
C ASP B 166 -9.90 -30.41 -7.01
N ARG B 167 -10.91 -31.07 -6.45
CA ARG B 167 -10.74 -31.70 -5.13
C ARG B 167 -9.70 -32.81 -5.13
N PHE B 168 -9.59 -33.53 -6.24
CA PHE B 168 -8.64 -34.62 -6.36
C PHE B 168 -7.22 -34.08 -6.30
N TYR B 169 -6.87 -33.20 -7.25
CA TYR B 169 -5.50 -32.73 -7.37
C TYR B 169 -5.08 -31.74 -6.28
N LYS B 170 -6.05 -31.14 -5.59
CA LYS B 170 -5.76 -30.37 -4.37
C LYS B 170 -5.25 -31.30 -3.28
N THR B 171 -6.00 -32.39 -3.07
CA THR B 171 -5.63 -33.40 -2.10
C THR B 171 -4.31 -34.08 -2.47
N LEU B 172 -4.08 -34.29 -3.75
CA LEU B 172 -2.85 -34.90 -4.23
C LEU B 172 -1.63 -34.03 -3.96
N ARG B 173 -1.78 -32.72 -4.15
CA ARG B 173 -0.70 -31.75 -3.87
C ARG B 173 -0.28 -31.72 -2.40
N ALA B 174 -1.26 -31.79 -1.49
CA ALA B 174 -0.95 -31.80 -0.06
C ALA B 174 -0.25 -33.06 0.41
N GLU B 175 -0.60 -34.22 -0.14
CA GLU B 175 -0.06 -35.51 0.32
C GLU B 175 1.29 -35.84 -0.33
N THR B 186 -1.86 -42.89 -10.21
CA THR B 186 -2.59 -41.74 -9.66
C THR B 186 -3.57 -41.21 -10.71
N GLU B 187 -3.11 -41.14 -11.97
CA GLU B 187 -3.99 -40.77 -13.09
C GLU B 187 -5.12 -41.78 -13.31
N THR B 188 -4.82 -43.08 -13.12
CA THR B 188 -5.83 -44.14 -13.24
C THR B 188 -6.85 -44.15 -12.09
N LEU B 189 -6.40 -43.77 -10.89
CA LEU B 189 -7.28 -43.62 -9.73
C LEU B 189 -8.33 -42.52 -9.91
N LEU B 190 -7.93 -41.39 -10.48
CA LEU B 190 -8.87 -40.34 -10.87
C LEU B 190 -10.11 -40.88 -11.62
N VAL B 191 -9.87 -41.85 -12.50
CA VAL B 191 -10.95 -42.50 -13.26
C VAL B 191 -11.79 -43.39 -12.34
N GLN B 192 -11.11 -44.20 -11.52
CA GLN B 192 -11.76 -45.11 -10.55
C GLN B 192 -12.78 -44.40 -9.66
N ASN B 193 -12.33 -43.37 -8.95
CA ASN B 193 -13.20 -42.64 -8.01
C ASN B 193 -14.23 -41.68 -8.64
N ALA B 194 -14.30 -41.60 -9.97
CA ALA B 194 -15.38 -40.87 -10.65
C ALA B 194 -16.73 -41.57 -10.47
N ASN B 195 -17.82 -40.84 -10.68
CA ASN B 195 -19.17 -41.39 -10.53
C ASN B 195 -19.54 -42.34 -11.70
N PRO B 196 -20.54 -43.23 -11.50
CA PRO B 196 -20.87 -44.23 -12.53
C PRO B 196 -21.11 -43.68 -13.94
N ASP B 197 -21.76 -42.52 -14.06
CA ASP B 197 -22.06 -41.93 -15.37
C ASP B 197 -20.81 -41.42 -16.09
N CYS B 198 -20.02 -40.60 -15.39
CA CYS B 198 -18.74 -40.12 -15.97
CA CYS B 198 -18.76 -40.07 -15.91
C CYS B 198 -17.76 -41.25 -16.14
N LYS B 199 -17.60 -42.11 -15.13
CA LYS B 199 -16.69 -43.27 -15.24
C LYS B 199 -16.90 -44.08 -16.53
N THR B 200 -18.16 -44.32 -16.91
CA THR B 200 -18.48 -45.06 -18.14
C THR B 200 -18.01 -44.28 -19.38
N ILE B 201 -18.18 -42.96 -19.36
CA ILE B 201 -17.73 -42.10 -20.46
C ILE B 201 -16.20 -42.04 -20.52
N LEU B 202 -15.56 -42.03 -19.35
CA LEU B 202 -14.09 -41.96 -19.26
C LEU B 202 -13.39 -43.23 -19.73
N LYS B 203 -13.90 -44.39 -19.34
CA LYS B 203 -13.39 -45.69 -19.82
C LYS B 203 -13.52 -45.82 -21.34
N ALA B 204 -14.58 -45.27 -21.90
CA ALA B 204 -14.82 -45.29 -23.35
C ALA B 204 -13.78 -44.49 -24.17
N LEU B 205 -13.16 -43.47 -23.57
CA LEU B 205 -12.07 -42.74 -24.21
C LEU B 205 -10.80 -43.59 -24.39
N GLY B 206 -10.64 -44.59 -23.52
CA GLY B 206 -9.55 -45.54 -23.62
C GLY B 206 -8.31 -45.08 -22.88
N PRO B 207 -7.26 -45.93 -22.83
CA PRO B 207 -6.04 -45.60 -22.10
C PRO B 207 -5.27 -44.39 -22.65
N GLY B 208 -4.50 -43.74 -21.78
CA GLY B 208 -3.64 -42.62 -22.16
C GLY B 208 -4.31 -41.30 -22.51
N ALA B 209 -5.55 -41.11 -22.06
CA ALA B 209 -6.31 -39.91 -22.39
C ALA B 209 -5.84 -38.72 -21.53
N THR B 210 -5.75 -37.53 -22.14
CA THR B 210 -5.38 -36.31 -21.41
C THR B 210 -6.54 -35.80 -20.56
N LEU B 211 -6.20 -35.12 -19.48
CA LEU B 211 -7.19 -34.52 -18.59
C LEU B 211 -8.12 -33.56 -19.34
N GLU B 212 -7.57 -32.81 -20.30
CA GLU B 212 -8.36 -31.95 -21.16
C GLU B 212 -9.50 -32.75 -21.80
N GLU B 213 -9.15 -33.84 -22.45
CA GLU B 213 -10.12 -34.70 -23.14
C GLU B 213 -11.15 -35.29 -22.18
N MET B 214 -10.67 -35.74 -21.01
CA MET B 214 -11.53 -36.33 -19.98
C MET B 214 -12.55 -35.34 -19.46
N MET B 215 -12.09 -34.12 -19.18
CA MET B 215 -12.96 -33.06 -18.68
C MET B 215 -13.98 -32.62 -19.74
N THR B 216 -13.52 -32.48 -20.98
CA THR B 216 -14.38 -32.14 -22.10
C THR B 216 -15.50 -33.16 -22.25
N ALA B 217 -15.17 -34.44 -22.06
CA ALA B 217 -16.13 -35.53 -22.19
C ALA B 217 -17.27 -35.49 -21.16
N CYS B 218 -16.92 -35.24 -19.89
CA CYS B 218 -17.91 -35.19 -18.80
C CYS B 218 -18.35 -33.75 -18.48
N GLN B 219 -18.89 -33.07 -19.47
CA GLN B 219 -19.24 -31.65 -19.34
C GLN B 219 -20.70 -31.44 -19.67
N PRO C 1 12.48 -11.56 -10.74
CA PRO C 1 12.97 -11.34 -12.10
C PRO C 1 14.50 -11.14 -12.14
N ILE C 2 15.03 -10.14 -12.87
CA ILE C 2 16.47 -10.12 -13.24
C ILE C 2 17.06 -8.70 -13.21
N VAL C 3 18.23 -8.56 -12.57
CA VAL C 3 18.95 -7.27 -12.47
C VAL C 3 20.45 -7.42 -12.51
N GLN C 4 21.12 -6.34 -12.92
CA GLN C 4 22.56 -6.23 -12.79
C GLN C 4 22.82 -5.47 -11.48
N ASN C 5 23.66 -6.04 -10.62
CA ASN C 5 24.03 -5.42 -9.33
C ASN C 5 25.06 -4.29 -9.50
N LEU C 6 25.54 -3.72 -8.39
CA LEU C 6 26.63 -2.73 -8.44
C LEU C 6 27.98 -3.38 -8.79
N GLN C 7 28.14 -4.67 -8.45
CA GLN C 7 29.35 -5.45 -8.80
C GLN C 7 29.51 -5.83 -10.29
N GLY C 8 28.50 -5.57 -11.12
CA GLY C 8 28.61 -5.85 -12.56
C GLY C 8 27.92 -7.12 -13.04
N GLN C 9 27.99 -8.19 -12.24
CA GLN C 9 27.35 -9.46 -12.60
C GLN C 9 25.84 -9.33 -12.52
N MET C 10 25.15 -10.10 -13.35
CA MET C 10 23.68 -10.13 -13.36
C MET C 10 23.19 -11.15 -12.33
N VAL C 11 22.29 -10.71 -11.45
CA VAL C 11 21.76 -11.53 -10.36
C VAL C 11 20.23 -11.44 -10.24
N HIS C 12 19.67 -12.41 -9.53
CA HIS C 12 18.24 -12.56 -9.37
C HIS C 12 17.71 -11.46 -8.46
N GLN C 13 16.84 -10.60 -8.99
CA GLN C 13 16.02 -9.67 -8.18
C GLN C 13 14.87 -10.42 -7.58
N CYS C 14 14.72 -10.31 -6.26
CA CYS C 14 13.64 -11.00 -5.57
C CYS C 14 12.28 -10.50 -6.07
N ILE C 15 11.41 -11.44 -6.41
CA ILE C 15 10.04 -11.11 -6.83
C ILE C 15 9.28 -10.39 -5.71
N SER C 16 8.69 -9.24 -6.02
CA SER C 16 8.20 -8.29 -5.00
C SER C 16 6.91 -8.76 -4.32
N PRO C 17 6.68 -8.35 -3.06
CA PRO C 17 5.42 -8.72 -2.40
C PRO C 17 4.17 -8.17 -3.07
N ARG C 18 4.24 -6.96 -3.62
CA ARG C 18 3.13 -6.43 -4.42
C ARG C 18 2.77 -7.36 -5.56
N THR C 19 3.78 -7.77 -6.33
CA THR C 19 3.59 -8.66 -7.48
C THR C 19 3.04 -10.01 -7.07
N LEU C 20 3.60 -10.59 -6.02
CA LEU C 20 3.15 -11.88 -5.53
C LEU C 20 1.68 -11.82 -5.20
N ASN C 21 1.32 -10.85 -4.38
CA ASN C 21 -0.05 -10.67 -3.93
C ASN C 21 -1.00 -10.28 -5.07
N ALA C 22 -0.54 -9.43 -5.98
CA ALA C 22 -1.33 -9.06 -7.14
C ALA C 22 -1.79 -10.28 -7.90
N TRP C 23 -0.86 -11.20 -8.21
CA TRP C 23 -1.17 -12.41 -8.95
C TRP C 23 -2.08 -13.35 -8.20
N VAL C 24 -1.87 -13.49 -6.90
CA VAL C 24 -2.74 -14.32 -6.06
C VAL C 24 -4.18 -13.82 -6.07
N LYS C 25 -4.33 -12.50 -5.90
CA LYS C 25 -5.66 -11.91 -5.79
C LYS C 25 -6.46 -11.92 -7.10
N VAL C 26 -5.81 -11.65 -8.24
CA VAL C 26 -6.49 -11.75 -9.54
CA VAL C 26 -6.52 -11.74 -9.52
C VAL C 26 -7.06 -13.14 -9.78
N VAL C 27 -6.27 -14.16 -9.45
CA VAL C 27 -6.73 -15.53 -9.62
C VAL C 27 -7.86 -15.85 -8.63
N GLU C 28 -7.79 -15.32 -7.42
CA GLU C 28 -8.90 -15.48 -6.46
C GLU C 28 -10.19 -14.87 -6.99
N GLU C 29 -10.11 -13.66 -7.51
CA GLU C 29 -11.31 -12.89 -7.91
C GLU C 29 -11.84 -13.25 -9.30
N LYS C 30 -10.95 -13.33 -10.28
CA LYS C 30 -11.32 -13.51 -11.67
C LYS C 30 -11.21 -14.95 -12.16
N ALA C 31 -10.69 -15.85 -11.32
CA ALA C 31 -10.47 -17.25 -11.69
C ALA C 31 -9.63 -17.35 -12.97
N PHE C 32 -10.19 -17.88 -14.07
CA PHE C 32 -9.49 -17.90 -15.35
C PHE C 32 -10.36 -17.28 -16.44
N SER C 33 -10.81 -16.06 -16.15
CA SER C 33 -11.46 -15.19 -17.11
C SER C 33 -10.36 -14.67 -18.07
N PRO C 34 -10.70 -14.40 -19.35
CA PRO C 34 -9.67 -14.05 -20.33
C PRO C 34 -8.67 -12.98 -19.91
N GLU C 35 -9.15 -11.95 -19.20
CA GLU C 35 -8.31 -10.82 -18.78
C GLU C 35 -7.24 -11.17 -17.74
N VAL C 36 -7.34 -12.36 -17.13
CA VAL C 36 -6.30 -12.83 -16.20
C VAL C 36 -4.96 -13.06 -16.89
N ILE C 37 -5.01 -13.49 -18.16
CA ILE C 37 -3.80 -13.88 -18.90
C ILE C 37 -2.89 -12.67 -19.18
N PRO C 38 -3.43 -11.60 -19.80
CA PRO C 38 -2.65 -10.38 -19.97
C PRO C 38 -2.00 -9.91 -18.66
N MET C 39 -2.75 -10.03 -17.58
CA MET C 39 -2.29 -9.63 -16.27
C MET C 39 -1.17 -10.55 -15.78
N PHE C 40 -1.34 -11.86 -15.95
CA PHE C 40 -0.27 -12.80 -15.63
C PHE C 40 1.02 -12.44 -16.37
N SER C 41 0.89 -12.20 -17.67
CA SER C 41 2.04 -11.84 -18.48
C SER C 41 2.72 -10.60 -17.94
N ALA C 42 1.92 -9.59 -17.60
CA ALA C 42 2.43 -8.29 -17.14
C ALA C 42 3.10 -8.38 -15.78
N LEU C 43 2.47 -9.09 -14.85
CA LEU C 43 3.04 -9.29 -13.51
C LEU C 43 4.29 -10.16 -13.55
N SER C 44 4.33 -11.13 -14.47
CA SER C 44 5.49 -12.01 -14.66
C SER C 44 6.52 -11.44 -15.64
N CYS C 45 6.59 -10.12 -15.75
CA CYS C 45 7.50 -9.44 -16.67
C CYS C 45 8.94 -9.61 -16.20
N GLY C 46 9.80 -10.05 -17.12
CA GLY C 46 11.21 -10.27 -16.81
C GLY C 46 11.49 -11.44 -15.88
N ALA C 47 10.53 -12.35 -15.77
CA ALA C 47 10.58 -13.43 -14.80
C ALA C 47 11.48 -14.57 -15.27
N THR C 48 12.28 -15.12 -14.35
CA THR C 48 13.02 -16.35 -14.62
C THR C 48 12.06 -17.53 -14.53
N PRO C 49 12.43 -18.69 -15.10
CA PRO C 49 11.58 -19.88 -14.96
C PRO C 49 11.24 -20.25 -13.52
N GLN C 50 12.17 -20.00 -12.60
CA GLN C 50 11.91 -20.19 -11.17
C GLN C 50 10.75 -19.31 -10.71
N ASP C 51 10.83 -18.03 -11.08
CA ASP C 51 9.81 -17.04 -10.71
C ASP C 51 8.45 -17.37 -11.28
N LEU C 52 8.43 -17.84 -12.52
CA LEU C 52 7.19 -18.29 -13.14
C LEU C 52 6.56 -19.43 -12.34
N ASN C 53 7.38 -20.40 -11.95
CA ASN C 53 6.91 -21.49 -11.08
C ASN C 53 6.45 -20.99 -9.71
N THR C 54 7.20 -20.05 -9.13
CA THR C 54 6.77 -19.41 -7.87
C THR C 54 5.36 -18.86 -8.01
N MET C 55 5.13 -18.08 -9.06
CA MET C 55 3.82 -17.48 -9.29
C MET C 55 2.71 -18.53 -9.46
N LEU C 56 2.97 -19.59 -10.22
CA LEU C 56 1.97 -20.64 -10.42
C LEU C 56 1.71 -21.42 -9.12
N ASN C 57 2.79 -21.67 -8.38
CA ASN C 57 2.67 -22.37 -7.11
C ASN C 57 1.95 -21.58 -6.02
N THR C 58 1.95 -20.25 -6.08
CA THR C 58 1.21 -19.43 -5.12
C THR C 58 -0.30 -19.49 -5.33
N VAL C 59 -0.76 -19.97 -6.50
CA VAL C 59 -2.18 -20.21 -6.75
C VAL C 59 -2.63 -21.43 -5.95
N GLY C 60 -3.74 -21.26 -5.21
CA GLY C 60 -4.16 -22.19 -4.19
C GLY C 60 -5.18 -23.23 -4.63
N GLY C 61 -6.22 -22.77 -5.30
CA GLY C 61 -7.28 -23.68 -5.76
C GLY C 61 -6.99 -24.15 -7.17
N HIS C 62 -8.06 -24.43 -7.91
CA HIS C 62 -7.99 -24.61 -9.36
C HIS C 62 -7.01 -25.69 -9.82
N GLN C 63 -6.83 -26.72 -9.02
CA GLN C 63 -5.78 -27.70 -9.27
C GLN C 63 -6.03 -28.57 -10.52
N ALA C 64 -7.29 -28.67 -10.94
CA ALA C 64 -7.63 -29.27 -12.23
C ALA C 64 -6.99 -28.47 -13.34
N ALA C 65 -7.27 -27.17 -13.35
CA ALA C 65 -6.69 -26.26 -14.34
C ALA C 65 -5.16 -26.27 -14.31
N MET C 66 -4.55 -26.22 -13.12
CA MET C 66 -3.10 -26.22 -13.01
C MET C 66 -2.50 -27.56 -13.48
N GLN C 67 -3.24 -28.65 -13.28
CA GLN C 67 -2.79 -29.95 -13.77
C GLN C 67 -2.83 -30.01 -15.30
N MET C 68 -3.86 -29.43 -15.90
CA MET C 68 -3.90 -29.26 -17.37
C MET C 68 -2.71 -28.43 -17.87
N LEU C 69 -2.38 -27.38 -17.13
CA LEU C 69 -1.24 -26.54 -17.46
C LEU C 69 0.08 -27.32 -17.40
N LYS C 70 0.24 -28.17 -16.39
CA LYS C 70 1.41 -29.07 -16.32
C LYS C 70 1.59 -29.91 -17.58
N GLU C 71 0.49 -30.50 -18.05
CA GLU C 71 0.52 -31.34 -19.26
C GLU C 71 0.94 -30.55 -20.48
N THR C 72 0.40 -29.34 -20.63
CA THR C 72 0.81 -28.46 -21.72
C THR C 72 2.29 -28.10 -21.62
N ILE C 73 2.80 -27.89 -20.40
CA ILE C 73 4.23 -27.63 -20.21
C ILE C 73 5.06 -28.85 -20.59
N ASN C 74 4.63 -30.03 -20.14
CA ASN C 74 5.32 -31.30 -20.47
C ASN C 74 5.34 -31.62 -21.97
N GLU C 75 4.26 -31.25 -22.67
CA GLU C 75 4.17 -31.38 -24.12
C GLU C 75 5.11 -30.44 -24.85
N GLU C 76 5.05 -29.16 -24.51
CA GLU C 76 5.92 -28.14 -25.13
C GLU C 76 7.40 -28.37 -24.83
N ALA C 77 7.71 -28.92 -23.65
CA ALA C 77 9.08 -29.28 -23.28
C ALA C 77 9.63 -30.43 -24.11
N ALA C 78 8.78 -31.43 -24.38
CA ALA C 78 9.14 -32.57 -25.25
C ALA C 78 9.33 -32.14 -26.70
N GLU C 79 8.49 -31.22 -27.17
CA GLU C 79 8.62 -30.62 -28.50
C GLU C 79 9.94 -29.85 -28.65
N TRP C 80 10.36 -29.18 -27.59
CA TRP C 80 11.66 -28.49 -27.57
C TRP C 80 12.82 -29.48 -27.67
N ASP C 81 12.79 -30.50 -26.81
CA ASP C 81 13.79 -31.59 -26.83
C ASP C 81 13.96 -32.23 -28.20
N ARG C 82 12.84 -32.37 -28.91
CA ARG C 82 12.82 -32.93 -30.27
C ARG C 82 13.60 -32.05 -31.27
N LEU C 83 13.33 -30.75 -31.25
CA LEU C 83 13.95 -29.79 -32.18
C LEU C 83 15.37 -29.33 -31.81
N HIS C 84 15.78 -29.52 -30.55
CA HIS C 84 17.09 -29.07 -30.06
C HIS C 84 17.82 -30.24 -29.36
N PRO C 85 18.46 -31.14 -30.16
CA PRO C 85 19.07 -32.36 -29.58
C PRO C 85 20.46 -32.15 -28.97
N VAL C 86 20.63 -32.57 -27.70
CA VAL C 86 21.85 -32.34 -26.92
C VAL C 86 23.10 -33.02 -27.50
N HIS C 87 24.17 -32.25 -27.69
CA HIS C 87 25.49 -32.75 -28.10
C HIS C 87 26.56 -32.27 -27.13
N MET C 96 29.06 -23.05 -20.73
CA MET C 96 27.65 -23.07 -20.41
C MET C 96 26.88 -23.99 -21.38
N ARG C 97 26.20 -25.00 -20.83
CA ARG C 97 25.54 -26.05 -21.63
C ARG C 97 24.33 -25.53 -22.42
N GLU C 98 23.78 -26.39 -23.27
CA GLU C 98 22.66 -26.01 -24.14
C GLU C 98 21.34 -26.44 -23.47
N PRO C 99 20.38 -25.50 -23.31
CA PRO C 99 19.21 -25.78 -22.47
C PRO C 99 18.17 -26.70 -23.12
N ARG C 100 17.91 -27.82 -22.46
CA ARG C 100 16.84 -28.75 -22.85
C ARG C 100 15.48 -28.26 -22.29
N GLY C 101 14.40 -28.94 -22.68
CA GLY C 101 13.03 -28.56 -22.30
C GLY C 101 12.75 -28.53 -20.80
N SER C 102 13.24 -29.54 -20.09
CA SER C 102 13.13 -29.59 -18.63
C SER C 102 13.93 -28.49 -17.90
N ASP C 103 14.98 -27.97 -18.55
CA ASP C 103 15.74 -26.82 -18.02
C ASP C 103 14.97 -25.50 -18.18
N ILE C 104 14.24 -25.37 -19.30
CA ILE C 104 13.41 -24.19 -19.57
C ILE C 104 12.23 -24.08 -18.59
N ALA C 105 11.56 -25.21 -18.35
CA ALA C 105 10.46 -25.27 -17.37
C ALA C 105 10.90 -25.12 -15.91
N GLY C 106 12.20 -25.28 -15.65
CA GLY C 106 12.79 -25.04 -14.33
C GLY C 106 12.85 -26.26 -13.43
N THR C 107 12.53 -27.44 -13.96
CA THR C 107 12.54 -28.68 -13.17
C THR C 107 13.96 -29.19 -12.96
N THR C 108 14.82 -29.00 -13.96
CA THR C 108 16.20 -29.51 -13.95
C THR C 108 17.21 -28.43 -14.34
N SER C 109 17.13 -27.27 -13.67
CA SER C 109 18.07 -26.19 -13.88
C SER C 109 18.11 -25.27 -12.67
N THR C 110 19.31 -24.81 -12.29
CA THR C 110 19.46 -23.91 -11.15
C THR C 110 19.11 -22.48 -11.55
N LEU C 111 18.92 -21.64 -10.54
CA LEU C 111 18.64 -20.22 -10.76
C LEU C 111 19.80 -19.56 -11.45
N GLN C 112 21.01 -19.86 -11.01
CA GLN C 112 22.22 -19.31 -11.62
C GLN C 112 22.36 -19.68 -13.10
N GLU C 113 21.96 -20.91 -13.45
CA GLU C 113 21.90 -21.34 -14.87
C GLU C 113 20.87 -20.56 -15.69
N GLN C 114 19.70 -20.34 -15.10
CA GLN C 114 18.62 -19.58 -15.76
C GLN C 114 19.01 -18.13 -15.99
N ILE C 115 19.62 -17.52 -14.97
CA ILE C 115 20.25 -16.20 -15.09
C ILE C 115 21.28 -16.26 -16.21
N GLY C 116 22.12 -17.30 -16.16
CA GLY C 116 23.09 -17.61 -17.21
C GLY C 116 22.56 -17.44 -18.62
N TRP C 117 21.61 -18.30 -19.01
CA TRP C 117 21.05 -18.32 -20.38
C TRP C 117 20.40 -17.00 -20.82
N MET C 118 19.65 -16.36 -19.91
CA MET C 118 18.92 -15.12 -20.22
C MET C 118 19.83 -13.91 -20.36
N THR C 119 20.81 -13.80 -19.46
CA THR C 119 21.77 -12.70 -19.46
C THR C 119 22.99 -12.99 -20.32
N HIS C 120 23.13 -14.25 -20.78
CA HIS C 120 24.18 -14.64 -21.73
C HIS C 120 24.13 -13.77 -22.99
N ASN C 121 25.26 -13.68 -23.67
CA ASN C 121 25.33 -13.10 -24.99
C ASN C 121 25.84 -14.15 -25.97
N PRO C 122 25.06 -14.56 -26.99
CA PRO C 122 23.69 -14.06 -27.26
C PRO C 122 22.66 -14.54 -26.22
N PRO C 123 21.56 -13.77 -26.05
CA PRO C 123 20.57 -14.15 -25.05
C PRO C 123 19.71 -15.32 -25.49
N ILE C 124 19.69 -16.37 -24.66
CA ILE C 124 18.76 -17.50 -24.81
C ILE C 124 17.65 -17.24 -23.77
N PRO C 125 16.52 -16.64 -24.21
CA PRO C 125 15.54 -16.15 -23.25
C PRO C 125 14.64 -17.28 -22.76
N VAL C 126 15.15 -18.08 -21.84
CA VAL C 126 14.39 -19.23 -21.29
C VAL C 126 13.11 -18.78 -20.58
N GLY C 127 13.16 -17.60 -19.95
CA GLY C 127 12.01 -17.02 -19.28
C GLY C 127 10.87 -16.67 -20.21
N GLU C 128 11.20 -16.00 -21.32
CA GLU C 128 10.19 -15.62 -22.31
C GLU C 128 9.63 -16.84 -23.07
N ILE C 129 10.47 -17.86 -23.28
CA ILE C 129 10.05 -19.11 -23.92
C ILE C 129 9.07 -19.87 -23.02
N TYR C 130 9.44 -20.05 -21.76
CA TYR C 130 8.60 -20.76 -20.80
C TYR C 130 7.28 -20.04 -20.58
N LYS C 131 7.33 -18.71 -20.54
CA LYS C 131 6.10 -17.90 -20.42
C LYS C 131 5.18 -18.15 -21.60
N ARG C 132 5.76 -18.25 -22.79
CA ARG C 132 4.98 -18.59 -24.00
C ARG C 132 4.24 -19.92 -23.82
N TRP C 133 4.91 -20.93 -23.26
CA TRP C 133 4.26 -22.22 -23.01
C TRP C 133 3.17 -22.12 -21.96
N ILE C 134 3.43 -21.39 -20.87
CA ILE C 134 2.46 -21.20 -19.79
C ILE C 134 1.21 -20.52 -20.34
N ILE C 135 1.40 -19.41 -21.04
CA ILE C 135 0.28 -18.66 -21.62
C ILE C 135 -0.50 -19.55 -22.59
N LEU C 136 0.22 -20.30 -23.42
CA LEU C 136 -0.40 -21.26 -24.34
C LEU C 136 -1.32 -22.23 -23.58
N GLY C 137 -0.81 -22.75 -22.47
CA GLY C 137 -1.60 -23.61 -21.59
C GLY C 137 -2.75 -22.90 -20.91
N LEU C 138 -2.50 -21.68 -20.44
CA LEU C 138 -3.55 -20.89 -19.81
C LEU C 138 -4.69 -20.57 -20.76
N ASN C 139 -4.35 -20.31 -22.02
CA ASN C 139 -5.37 -20.08 -23.03
C ASN C 139 -6.29 -21.29 -23.19
N LYS C 140 -5.71 -22.48 -23.23
CA LYS C 140 -6.51 -23.72 -23.28
C LYS C 140 -7.47 -23.81 -22.09
N ILE C 141 -7.00 -23.40 -20.92
CA ILE C 141 -7.83 -23.37 -19.71
C ILE C 141 -8.95 -22.34 -19.85
N VAL C 142 -8.64 -21.16 -20.38
CA VAL C 142 -9.66 -20.14 -20.60
C VAL C 142 -10.73 -20.67 -21.56
N ARG C 143 -10.29 -21.34 -22.63
CA ARG C 143 -11.18 -21.84 -23.66
C ARG C 143 -12.12 -22.93 -23.15
N MET C 144 -11.64 -23.79 -22.24
CA MET C 144 -12.48 -24.87 -21.70
C MET C 144 -13.47 -24.35 -20.69
N TYR C 145 -12.99 -23.53 -19.76
CA TYR C 145 -13.84 -22.96 -18.72
C TYR C 145 -14.84 -21.93 -19.26
N SER C 146 -14.68 -21.49 -20.52
CA SER C 146 -15.69 -20.69 -21.23
C SER C 146 -17.05 -21.36 -21.21
N PRO C 147 -18.05 -20.75 -20.54
CA PRO C 147 -19.31 -21.48 -20.33
C PRO C 147 -20.16 -21.63 -21.59
N THR C 148 -20.47 -20.51 -22.23
CA THR C 148 -21.39 -20.45 -23.37
C THR C 148 -20.67 -20.49 -24.71
N SER C 149 -21.32 -21.06 -25.72
CA SER C 149 -20.85 -21.05 -27.10
C SER C 149 -21.37 -19.80 -27.83
N ILE C 150 -20.61 -19.34 -28.83
CA ILE C 150 -20.98 -18.15 -29.63
C ILE C 150 -22.35 -18.25 -30.33
N LEU C 151 -22.71 -19.47 -30.72
CA LEU C 151 -23.98 -19.74 -31.39
C LEU C 151 -25.20 -19.54 -30.49
N ASP C 152 -25.03 -19.78 -29.19
CA ASP C 152 -26.11 -19.64 -28.21
C ASP C 152 -26.30 -18.20 -27.68
N ILE C 153 -25.45 -17.27 -28.09
CA ILE C 153 -25.61 -15.86 -27.73
C ILE C 153 -26.57 -15.23 -28.71
N ARG C 154 -27.84 -15.14 -28.29
CA ARG C 154 -28.93 -14.55 -29.07
C ARG C 154 -29.55 -13.40 -28.28
N GLN C 155 -29.88 -12.31 -28.97
CA GLN C 155 -30.43 -11.12 -28.29
C GLN C 155 -31.85 -11.38 -27.79
N GLY C 156 -32.11 -10.99 -26.54
CA GLY C 156 -33.42 -11.16 -25.94
C GLY C 156 -34.45 -10.20 -26.52
N PRO C 157 -35.75 -10.43 -26.23
CA PRO C 157 -36.80 -9.58 -26.80
C PRO C 157 -36.73 -8.13 -26.30
N LYS C 158 -36.61 -7.97 -24.98
CA LYS C 158 -36.50 -6.65 -24.35
C LYS C 158 -35.05 -6.30 -23.94
N GLU C 159 -34.07 -7.04 -24.44
CA GLU C 159 -32.66 -6.78 -24.15
C GLU C 159 -32.13 -5.65 -25.06
N PRO C 160 -31.40 -4.67 -24.48
CA PRO C 160 -30.72 -3.67 -25.32
C PRO C 160 -29.67 -4.29 -26.23
N PHE C 161 -29.42 -3.68 -27.38
CA PHE C 161 -28.40 -4.16 -28.32
C PHE C 161 -27.02 -4.07 -27.68
N ARG C 162 -26.74 -2.93 -27.05
CA ARG C 162 -25.50 -2.71 -26.28
C ARG C 162 -25.14 -3.90 -25.40
N ASP C 163 -26.09 -4.37 -24.60
CA ASP C 163 -25.90 -5.52 -23.69
C ASP C 163 -25.65 -6.84 -24.43
N TYR C 164 -26.34 -7.03 -25.56
CA TYR C 164 -26.14 -8.19 -26.42
C TYR C 164 -24.75 -8.21 -27.07
N VAL C 165 -24.30 -7.06 -27.56
CA VAL C 165 -22.97 -6.94 -28.17
C VAL C 165 -21.88 -7.25 -27.13
N ASP C 166 -22.05 -6.72 -25.91
CA ASP C 166 -21.16 -7.05 -24.79
C ASP C 166 -21.11 -8.57 -24.59
N ARG C 167 -22.27 -9.20 -24.50
CA ARG C 167 -22.32 -10.66 -24.31
C ARG C 167 -21.75 -11.43 -25.49
N PHE C 168 -21.92 -10.90 -26.70
CA PHE C 168 -21.39 -11.53 -27.90
C PHE C 168 -19.87 -11.56 -27.88
N TYR C 169 -19.25 -10.38 -27.84
CA TYR C 169 -17.80 -10.27 -27.96
C TYR C 169 -17.05 -10.73 -26.70
N LYS C 170 -17.73 -10.81 -25.55
CA LYS C 170 -17.16 -11.45 -24.36
C LYS C 170 -17.01 -12.94 -24.63
N THR C 171 -18.08 -13.56 -25.14
CA THR C 171 -18.09 -14.98 -25.50
C THR C 171 -17.10 -15.29 -26.62
N LEU C 172 -16.99 -14.37 -27.58
CA LEU C 172 -16.05 -14.51 -28.68
C LEU C 172 -14.59 -14.51 -28.21
N ARG C 173 -14.27 -13.63 -27.26
CA ARG C 173 -12.92 -13.55 -26.69
C ARG C 173 -12.50 -14.83 -25.94
N ALA C 174 -13.42 -15.42 -25.19
CA ALA C 174 -13.13 -16.64 -24.44
C ALA C 174 -12.91 -17.85 -25.33
N GLU C 175 -13.63 -17.95 -26.44
CA GLU C 175 -13.58 -19.13 -27.32
C GLU C 175 -12.42 -19.03 -28.33
N THR C 186 -18.68 -14.12 -38.95
CA THR C 186 -18.42 -13.73 -37.55
C THR C 186 -19.05 -12.35 -37.18
N GLU C 187 -18.63 -11.30 -37.88
CA GLU C 187 -19.33 -9.98 -37.82
C GLU C 187 -20.76 -10.09 -38.38
N THR C 188 -20.96 -10.95 -39.38
CA THR C 188 -22.28 -11.22 -39.96
C THR C 188 -23.20 -12.01 -39.01
N LEU C 189 -22.61 -12.88 -38.20
CA LEU C 189 -23.35 -13.63 -37.17
C LEU C 189 -23.96 -12.72 -36.10
N LEU C 190 -23.19 -11.72 -35.65
CA LEU C 190 -23.71 -10.68 -34.76
C LEU C 190 -25.07 -10.13 -35.22
N VAL C 191 -25.23 -9.93 -36.52
CA VAL C 191 -26.47 -9.42 -37.12
C VAL C 191 -27.55 -10.52 -37.06
N GLN C 192 -27.19 -11.74 -37.45
CA GLN C 192 -28.08 -12.91 -37.43
C GLN C 192 -28.76 -13.11 -36.07
N ASN C 193 -27.98 -13.26 -35.02
CA ASN C 193 -28.51 -13.50 -33.66
C ASN C 193 -29.15 -12.29 -32.94
N ALA C 194 -29.22 -11.12 -33.59
CA ALA C 194 -29.99 -9.98 -33.06
C ALA C 194 -31.48 -10.26 -33.10
N ASN C 195 -32.26 -9.51 -32.30
CA ASN C 195 -33.71 -9.69 -32.24
C ASN C 195 -34.41 -9.14 -33.50
N PRO C 196 -35.65 -9.60 -33.79
CA PRO C 196 -36.34 -9.18 -35.02
C PRO C 196 -36.42 -7.67 -35.29
N ASP C 197 -36.62 -6.86 -34.25
CA ASP C 197 -36.73 -5.40 -34.41
C ASP C 197 -35.38 -4.75 -34.79
N CYS C 198 -34.33 -5.05 -34.01
CA CYS C 198 -32.98 -4.55 -34.34
CA CYS C 198 -32.98 -4.57 -34.27
C CYS C 198 -32.47 -5.15 -35.62
N LYS C 199 -32.60 -6.47 -35.79
CA LYS C 199 -32.17 -7.14 -37.04
C LYS C 199 -32.67 -6.44 -38.32
N THR C 200 -33.94 -6.04 -38.32
CA THR C 200 -34.53 -5.33 -39.46
C THR C 200 -33.86 -3.96 -39.67
N ILE C 201 -33.54 -3.26 -38.57
CA ILE C 201 -32.84 -1.98 -38.64
C ILE C 201 -31.38 -2.16 -39.09
N LEU C 202 -30.74 -3.25 -38.64
CA LEU C 202 -29.35 -3.56 -38.99
C LEU C 202 -29.15 -3.93 -40.46
N LYS C 203 -30.04 -4.78 -40.99
CA LYS C 203 -30.03 -5.13 -42.43
C LYS C 203 -30.24 -3.90 -43.33
N ALA C 204 -31.06 -2.95 -42.86
CA ALA C 204 -31.31 -1.70 -43.59
C ALA C 204 -30.08 -0.79 -43.73
N LEU C 205 -29.13 -0.87 -42.81
CA LEU C 205 -27.85 -0.14 -42.92
C LEU C 205 -26.99 -0.65 -44.07
N GLY C 206 -27.17 -1.92 -44.44
CA GLY C 206 -26.50 -2.51 -45.59
C GLY C 206 -25.16 -3.10 -45.21
N PRO C 207 -24.48 -3.76 -46.18
CA PRO C 207 -23.20 -4.44 -45.91
C PRO C 207 -22.07 -3.48 -45.50
N GLY C 208 -21.10 -4.02 -44.76
CA GLY C 208 -19.90 -3.28 -44.37
C GLY C 208 -20.08 -2.19 -43.32
N ALA C 209 -21.15 -2.26 -42.53
CA ALA C 209 -21.44 -1.23 -41.52
C ALA C 209 -20.56 -1.43 -40.28
N THR C 210 -20.07 -0.32 -39.72
CA THR C 210 -19.27 -0.37 -38.48
C THR C 210 -20.14 -0.62 -37.26
N LEU C 211 -19.55 -1.23 -36.23
CA LEU C 211 -20.24 -1.49 -34.96
C LEU C 211 -20.77 -0.21 -34.33
N GLU C 212 -20.01 0.87 -34.44
CA GLU C 212 -20.47 2.19 -34.02
C GLU C 212 -21.84 2.54 -34.63
N GLU C 213 -21.92 2.46 -35.96
CA GLU C 213 -23.16 2.75 -36.70
C GLU C 213 -24.31 1.81 -36.33
N MET C 214 -23.99 0.53 -36.20
CA MET C 214 -24.97 -0.50 -35.82
C MET C 214 -25.56 -0.24 -34.43
N MET C 215 -24.70 0.07 -33.47
CA MET C 215 -25.12 0.36 -32.09
C MET C 215 -25.94 1.65 -32.01
N THR C 216 -25.48 2.68 -32.71
CA THR C 216 -26.20 3.95 -32.80
C THR C 216 -27.63 3.74 -33.34
N ALA C 217 -27.75 2.86 -34.34
CA ALA C 217 -29.04 2.57 -34.96
C ALA C 217 -30.07 1.93 -34.00
N CYS C 218 -29.62 0.94 -33.23
CA CYS C 218 -30.51 0.22 -32.30
C CYS C 218 -30.41 0.77 -30.87
N GLN C 219 -30.69 2.07 -30.71
CA GLN C 219 -30.51 2.75 -29.43
C GLN C 219 -31.81 3.40 -28.99
N PRO D 1 6.88 0.51 -19.06
CA PRO D 1 7.38 1.67 -19.79
C PRO D 1 8.88 1.53 -20.14
N ILE D 2 9.72 2.56 -19.95
CA ILE D 2 11.05 2.62 -20.57
C ILE D 2 12.11 3.25 -19.65
N VAL D 3 13.28 2.59 -19.55
CA VAL D 3 14.40 3.07 -18.72
C VAL D 3 15.75 2.78 -19.35
N GLN D 4 16.73 3.62 -19.03
CA GLN D 4 18.12 3.33 -19.34
C GLN D 4 18.72 2.64 -18.09
N ASN D 5 19.34 1.48 -18.30
CA ASN D 5 19.98 0.73 -17.21
C ASN D 5 21.36 1.34 -16.82
N LEU D 6 22.08 0.71 -15.91
CA LEU D 6 23.45 1.12 -15.59
C LEU D 6 24.44 0.79 -16.72
N GLN D 7 24.13 -0.25 -17.50
CA GLN D 7 24.94 -0.62 -18.68
C GLN D 7 24.86 0.32 -19.90
N GLY D 8 23.97 1.32 -19.86
CA GLY D 8 23.90 2.30 -20.95
C GLY D 8 22.77 2.08 -21.94
N GLN D 9 22.48 0.81 -22.28
CA GLN D 9 21.38 0.46 -23.19
C GLN D 9 20.07 0.81 -22.55
N MET D 10 19.11 1.21 -23.37
CA MET D 10 17.76 1.44 -22.90
C MET D 10 16.98 0.13 -22.93
N VAL D 11 16.32 -0.20 -21.82
CA VAL D 11 15.58 -1.46 -21.65
C VAL D 11 14.19 -1.23 -21.05
N HIS D 12 13.34 -2.23 -21.23
CA HIS D 12 11.95 -2.19 -20.80
C HIS D 12 11.87 -2.26 -19.28
N GLN D 13 11.35 -1.21 -18.66
CA GLN D 13 10.93 -1.25 -17.25
C GLN D 13 9.60 -1.96 -17.14
N CYS D 14 9.50 -2.97 -16.28
CA CYS D 14 8.26 -3.70 -16.11
C CYS D 14 7.17 -2.78 -15.58
N ILE D 15 6.01 -2.81 -16.23
CA ILE D 15 4.84 -2.05 -15.80
C ILE D 15 4.40 -2.47 -14.38
N SER D 16 4.23 -1.48 -13.48
CA SER D 16 4.14 -1.74 -12.03
C SER D 16 2.79 -2.32 -11.62
N PRO D 17 2.75 -3.12 -10.53
CA PRO D 17 1.46 -3.63 -10.08
C PRO D 17 0.48 -2.56 -9.64
N ARG D 18 0.97 -1.46 -9.04
CA ARG D 18 0.10 -0.32 -8.72
C ARG D 18 -0.60 0.21 -9.96
N THR D 19 0.18 0.44 -11.02
CA THR D 19 -0.34 0.96 -12.29
C THR D 19 -1.32 0.01 -12.94
N LEU D 20 -0.98 -1.28 -12.98
CA LEU D 20 -1.86 -2.28 -13.55
C LEU D 20 -3.21 -2.25 -12.87
N ASN D 21 -3.18 -2.34 -11.55
CA ASN D 21 -4.38 -2.38 -10.75
C ASN D 21 -5.15 -1.08 -10.79
N ALA D 22 -4.44 0.03 -10.78
CA ALA D 22 -5.08 1.35 -10.90
C ALA D 22 -5.96 1.41 -12.13
N TRP D 23 -5.42 1.02 -13.27
CA TRP D 23 -6.17 1.06 -14.54
C TRP D 23 -7.35 0.10 -14.57
N VAL D 24 -7.15 -1.10 -14.04
CA VAL D 24 -8.24 -2.06 -13.94
C VAL D 24 -9.41 -1.51 -13.11
N LYS D 25 -9.09 -0.93 -11.95
CA LYS D 25 -10.11 -0.49 -11.01
C LYS D 25 -10.89 0.73 -11.50
N VAL D 26 -10.22 1.70 -12.13
CA VAL D 26 -10.92 2.86 -12.73
CA VAL D 26 -10.94 2.85 -12.69
C VAL D 26 -11.94 2.41 -13.75
N VAL D 27 -11.55 1.46 -14.60
CA VAL D 27 -12.47 0.97 -15.63
C VAL D 27 -13.62 0.19 -14.97
N GLU D 28 -13.34 -0.55 -13.89
CA GLU D 28 -14.41 -1.24 -13.15
C GLU D 28 -15.42 -0.24 -12.57
N GLU D 29 -14.93 0.82 -11.95
CA GLU D 29 -15.78 1.77 -11.21
C GLU D 29 -16.43 2.83 -12.09
N LYS D 30 -15.65 3.44 -12.98
CA LYS D 30 -16.09 4.56 -13.81
C LYS D 30 -16.51 4.18 -15.23
N ALA D 31 -16.34 2.91 -15.61
CA ALA D 31 -16.64 2.44 -16.97
C ALA D 31 -15.90 3.28 -18.03
N PHE D 32 -16.63 4.01 -18.87
CA PHE D 32 -16.00 4.96 -19.80
C PHE D 32 -16.61 6.35 -19.68
N SER D 33 -16.58 6.83 -18.43
CA SER D 33 -16.91 8.21 -18.10
C SER D 33 -15.71 9.08 -18.56
N PRO D 34 -15.96 10.36 -18.92
CA PRO D 34 -14.89 11.16 -19.54
C PRO D 34 -13.58 11.19 -18.79
N GLU D 35 -13.65 11.24 -17.46
CA GLU D 35 -12.45 11.30 -16.58
C GLU D 35 -11.55 10.08 -16.61
N VAL D 36 -12.05 8.96 -17.15
CA VAL D 36 -11.24 7.76 -17.33
C VAL D 36 -10.08 7.98 -18.31
N ILE D 37 -10.31 8.81 -19.34
CA ILE D 37 -9.33 9.00 -20.42
C ILE D 37 -8.06 9.69 -19.90
N PRO D 38 -8.20 10.86 -19.23
CA PRO D 38 -7.03 11.53 -18.65
C PRO D 38 -6.23 10.61 -17.73
N MET D 39 -6.95 9.78 -17.00
CA MET D 39 -6.36 8.79 -16.12
C MET D 39 -5.62 7.70 -16.91
N PHE D 40 -6.26 7.17 -17.97
CA PHE D 40 -5.58 6.22 -18.85
C PHE D 40 -4.28 6.78 -19.39
N SER D 41 -4.33 8.00 -19.89
CA SER D 41 -3.15 8.67 -20.41
C SER D 41 -2.05 8.75 -19.35
N ALA D 42 -2.44 9.14 -18.13
CA ALA D 42 -1.50 9.36 -17.03
C ALA D 42 -0.87 8.07 -16.54
N LEU D 43 -1.70 7.03 -16.39
CA LEU D 43 -1.21 5.72 -15.97
C LEU D 43 -0.35 5.05 -17.05
N SER D 44 -0.68 5.30 -18.31
CA SER D 44 0.10 4.78 -19.45
C SER D 44 1.25 5.72 -19.88
N CYS D 45 1.77 6.49 -18.94
CA CYS D 45 2.85 7.45 -19.21
C CYS D 45 4.14 6.70 -19.53
N GLY D 46 4.77 7.06 -20.65
CA GLY D 46 6.03 6.44 -21.07
C GLY D 46 5.88 5.01 -21.53
N ALA D 47 4.66 4.61 -21.87
CA ALA D 47 4.35 3.22 -22.19
C ALA D 47 4.79 2.84 -23.60
N THR D 48 5.34 1.64 -23.74
CA THR D 48 5.59 1.06 -25.07
C THR D 48 4.27 0.56 -25.64
N PRO D 49 4.20 0.35 -26.96
CA PRO D 49 2.99 -0.26 -27.54
C PRO D 49 2.56 -1.59 -26.90
N GLN D 50 3.54 -2.40 -26.48
CA GLN D 50 3.27 -3.63 -25.75
C GLN D 50 2.51 -3.33 -24.47
N ASP D 51 3.02 -2.36 -23.71
CA ASP D 51 2.44 -1.95 -22.42
C ASP D 51 1.03 -1.40 -22.59
N LEU D 52 0.83 -0.62 -23.64
CA LEU D 52 -0.50 -0.12 -23.95
C LEU D 52 -1.48 -1.27 -24.19
N ASN D 53 -1.06 -2.27 -24.96
CA ASN D 53 -1.87 -3.47 -25.18
C ASN D 53 -2.10 -4.27 -23.89
N THR D 54 -1.06 -4.38 -23.07
CA THR D 54 -1.19 -5.00 -21.75
C THR D 54 -2.32 -4.32 -20.98
N MET D 55 -2.29 -3.00 -20.91
CA MET D 55 -3.30 -2.26 -20.17
C MET D 55 -4.72 -2.45 -20.73
N LEU D 56 -4.86 -2.44 -22.05
CA LEU D 56 -6.18 -2.65 -22.65
C LEU D 56 -6.67 -4.10 -22.48
N ASN D 57 -5.74 -5.05 -22.58
CA ASN D 57 -6.07 -6.45 -22.37
C ASN D 57 -6.47 -6.80 -20.94
N THR D 58 -5.98 -6.03 -19.95
CA THR D 58 -6.36 -6.26 -18.54
C THR D 58 -7.81 -5.85 -18.24
N VAL D 59 -8.42 -5.06 -19.13
CA VAL D 59 -9.85 -4.71 -19.02
C VAL D 59 -10.69 -5.92 -19.38
N GLY D 60 -11.63 -6.24 -18.49
CA GLY D 60 -12.35 -7.52 -18.50
C GLY D 60 -13.67 -7.53 -19.25
N GLY D 61 -14.50 -6.54 -18.95
CA GLY D 61 -15.81 -6.44 -19.59
C GLY D 61 -15.74 -5.59 -20.83
N HIS D 62 -16.85 -4.92 -21.15
CA HIS D 62 -16.87 -3.82 -22.10
C HIS D 62 -16.35 -4.18 -23.49
N GLN D 63 -16.54 -5.43 -23.89
CA GLN D 63 -15.90 -5.93 -25.12
C GLN D 63 -16.47 -5.31 -26.40
N ALA D 64 -17.69 -4.78 -26.33
CA ALA D 64 -18.25 -3.97 -27.40
C ALA D 64 -17.38 -2.73 -27.60
N ALA D 65 -17.17 -2.00 -26.51
CA ALA D 65 -16.32 -0.81 -26.54
C ALA D 65 -14.90 -1.10 -26.99
N MET D 66 -14.30 -2.17 -26.46
CA MET D 66 -12.94 -2.54 -26.86
C MET D 66 -12.87 -2.97 -28.33
N GLN D 67 -13.93 -3.58 -28.84
CA GLN D 67 -13.98 -3.94 -30.26
C GLN D 67 -14.06 -2.70 -31.15
N MET D 68 -14.83 -1.70 -30.73
CA MET D 68 -14.84 -0.38 -31.40
C MET D 68 -13.45 0.25 -31.41
N LEU D 69 -12.75 0.13 -30.28
CA LEU D 69 -11.40 0.64 -30.17
C LEU D 69 -10.44 -0.06 -31.14
N LYS D 70 -10.56 -1.39 -31.27
CA LYS D 70 -9.79 -2.13 -32.28
C LYS D 70 -9.95 -1.56 -33.68
N GLU D 71 -11.19 -1.28 -34.08
CA GLU D 71 -11.49 -0.73 -35.41
C GLU D 71 -10.84 0.63 -35.62
N THR D 72 -10.93 1.49 -34.61
CA THR D 72 -10.24 2.78 -34.65
C THR D 72 -8.73 2.61 -34.77
N ILE D 73 -8.17 1.63 -34.07
CA ILE D 73 -6.73 1.32 -34.20
C ILE D 73 -6.39 0.84 -35.62
N ASN D 74 -7.20 -0.08 -36.15
CA ASN D 74 -7.02 -0.60 -37.52
C ASN D 74 -7.14 0.47 -38.61
N GLU D 75 -8.04 1.44 -38.39
CA GLU D 75 -8.20 2.60 -39.28
C GLU D 75 -6.99 3.52 -39.25
N GLU D 76 -6.58 3.93 -38.05
CA GLU D 76 -5.42 4.83 -37.88
C GLU D 76 -4.09 4.17 -38.32
N ALA D 77 -3.99 2.84 -38.19
CA ALA D 77 -2.83 2.08 -38.67
C ALA D 77 -2.75 2.06 -40.20
N ALA D 78 -3.90 1.91 -40.87
CA ALA D 78 -3.99 1.95 -42.34
C ALA D 78 -3.68 3.35 -42.90
N GLU D 79 -4.14 4.38 -42.20
CA GLU D 79 -3.82 5.79 -42.51
C GLU D 79 -2.32 6.06 -42.40
N TRP D 80 -1.67 5.47 -41.41
CA TRP D 80 -0.22 5.56 -41.27
C TRP D 80 0.51 4.90 -42.44
N ASP D 81 0.14 3.64 -42.74
CA ASP D 81 0.69 2.89 -43.89
C ASP D 81 0.59 3.66 -45.20
N ARG D 82 -0.51 4.39 -45.37
CA ARG D 82 -0.75 5.20 -46.55
C ARG D 82 0.28 6.35 -46.68
N LEU D 83 0.49 7.08 -45.59
CA LEU D 83 1.41 8.24 -45.57
C LEU D 83 2.89 7.90 -45.44
N HIS D 84 3.22 6.69 -45.00
CA HIS D 84 4.62 6.26 -44.76
C HIS D 84 4.89 4.93 -45.49
N PRO D 85 5.15 4.98 -46.83
CA PRO D 85 5.29 3.74 -47.62
C PRO D 85 6.68 3.07 -47.53
N VAL D 86 6.68 1.77 -47.18
CA VAL D 86 7.92 1.02 -46.93
C VAL D 86 8.82 0.94 -48.17
N HIS D 87 10.07 1.38 -48.02
CA HIS D 87 11.02 1.52 -49.13
C HIS D 87 12.35 0.87 -48.80
N MET D 96 18.10 -0.45 -38.51
CA MET D 96 16.76 -0.49 -37.93
C MET D 96 15.71 -0.03 -38.94
N ARG D 97 14.72 -0.89 -39.21
CA ARG D 97 13.72 -0.67 -40.27
C ARG D 97 12.77 0.49 -39.95
N GLU D 98 11.92 0.84 -40.91
CA GLU D 98 10.99 1.97 -40.78
C GLU D 98 9.63 1.44 -40.34
N PRO D 99 9.06 1.98 -39.24
CA PRO D 99 7.88 1.37 -38.62
C PRO D 99 6.57 1.61 -39.37
N ARG D 100 5.94 0.52 -39.79
CA ARG D 100 4.61 0.55 -40.38
C ARG D 100 3.52 0.60 -39.28
N GLY D 101 2.27 0.76 -39.69
CA GLY D 101 1.13 0.90 -38.77
C GLY D 101 0.91 -0.26 -37.82
N SER D 102 1.03 -1.49 -38.34
CA SER D 102 0.92 -2.69 -37.52
C SER D 102 2.07 -2.86 -36.52
N ASP D 103 3.23 -2.23 -36.80
CA ASP D 103 4.35 -2.21 -35.85
C ASP D 103 4.10 -1.23 -34.70
N ILE D 104 3.44 -0.11 -35.00
CA ILE D 104 3.09 0.91 -34.00
C ILE D 104 2.04 0.38 -33.01
N ALA D 105 1.01 -0.29 -33.52
CA ALA D 105 -0.03 -0.93 -32.69
C ALA D 105 0.48 -2.14 -31.89
N GLY D 106 1.64 -2.69 -32.26
CA GLY D 106 2.29 -3.76 -31.51
C GLY D 106 1.94 -5.15 -31.97
N THR D 107 1.20 -5.28 -33.06
CA THR D 107 0.79 -6.60 -33.58
C THR D 107 1.94 -7.31 -34.29
N THR D 108 2.79 -6.55 -34.98
CA THR D 108 3.90 -7.10 -35.78
C THR D 108 5.22 -6.38 -35.46
N SER D 109 5.55 -6.30 -34.18
CA SER D 109 6.83 -5.73 -33.75
C SER D 109 7.22 -6.26 -32.36
N THR D 110 8.50 -6.55 -32.16
CA THR D 110 8.99 -7.03 -30.87
C THR D 110 9.16 -5.87 -29.90
N LEU D 111 9.30 -6.22 -28.62
CA LEU D 111 9.55 -5.24 -27.57
C LEU D 111 10.86 -4.50 -27.80
N GLN D 112 11.90 -5.27 -28.17
CA GLN D 112 13.21 -4.68 -28.45
C GLN D 112 13.18 -3.69 -29.62
N GLU D 113 12.36 -3.98 -30.64
CA GLU D 113 12.12 -3.04 -31.74
C GLU D 113 11.41 -1.76 -31.29
N GLN D 114 10.41 -1.90 -30.44
CA GLN D 114 9.66 -0.76 -29.90
C GLN D 114 10.53 0.13 -29.04
N ILE D 115 11.33 -0.49 -28.16
CA ILE D 115 12.39 0.20 -27.42
C ILE D 115 13.30 0.90 -28.42
N GLY D 116 13.72 0.15 -29.45
CA GLY D 116 14.50 0.67 -30.57
C GLY D 116 14.04 2.02 -31.07
N TRP D 117 12.84 2.05 -31.65
CA TRP D 117 12.30 3.28 -32.27
C TRP D 117 12.15 4.46 -31.32
N MET D 118 11.68 4.19 -30.09
CA MET D 118 11.42 5.25 -29.10
C MET D 118 12.70 5.85 -28.53
N THR D 119 13.67 4.98 -28.25
CA THR D 119 14.95 5.39 -27.70
C THR D 119 15.98 5.72 -28.77
N HIS D 120 15.67 5.40 -30.03
CA HIS D 120 16.50 5.76 -31.17
C HIS D 120 16.74 7.27 -31.21
N ASN D 121 17.82 7.66 -31.87
CA ASN D 121 18.05 9.05 -32.19
C ASN D 121 18.16 9.20 -33.71
N PRO D 122 17.26 9.96 -34.36
CA PRO D 122 16.15 10.71 -33.73
C PRO D 122 15.03 9.81 -33.20
N PRO D 123 14.28 10.29 -32.18
CA PRO D 123 13.24 9.45 -31.58
C PRO D 123 12.01 9.34 -32.47
N ILE D 124 11.63 8.11 -32.79
CA ILE D 124 10.36 7.79 -33.45
C ILE D 124 9.43 7.30 -32.32
N PRO D 125 8.60 8.19 -31.75
CA PRO D 125 7.87 7.83 -30.55
C PRO D 125 6.62 6.99 -30.86
N VAL D 126 6.83 5.70 -31.12
CA VAL D 126 5.73 4.79 -31.46
C VAL D 126 4.71 4.68 -30.32
N GLY D 127 5.18 4.77 -29.08
CA GLY D 127 4.33 4.75 -27.90
C GLY D 127 3.38 5.93 -27.80
N GLU D 128 3.90 7.13 -28.00
CA GLU D 128 3.07 8.33 -27.97
C GLU D 128 2.10 8.41 -29.15
N ILE D 129 2.51 7.88 -30.31
CA ILE D 129 1.66 7.83 -31.51
C ILE D 129 0.50 6.87 -31.29
N TYR D 130 0.82 5.65 -30.82
CA TYR D 130 -0.21 4.63 -30.58
C TYR D 130 -1.18 5.09 -29.49
N LYS D 131 -0.67 5.75 -28.46
CA LYS D 131 -1.52 6.31 -27.41
C LYS D 131 -2.50 7.32 -27.99
N ARG D 132 -2.02 8.15 -28.90
CA ARG D 132 -2.87 9.12 -29.61
C ARG D 132 -4.04 8.41 -30.29
N TRP D 133 -3.77 7.29 -30.96
CA TRP D 133 -4.82 6.51 -31.62
C TRP D 133 -5.79 5.90 -30.61
N ILE D 134 -5.26 5.33 -29.53
CA ILE D 134 -6.08 4.71 -28.49
C ILE D 134 -7.02 5.75 -27.87
N ILE D 135 -6.46 6.89 -27.47
CA ILE D 135 -7.25 7.98 -26.88
C ILE D 135 -8.31 8.46 -27.86
N LEU D 136 -7.92 8.62 -29.13
CA LEU D 136 -8.86 8.99 -30.20
C LEU D 136 -10.05 8.01 -30.24
N GLY D 137 -9.74 6.71 -30.17
CA GLY D 137 -10.77 5.68 -30.10
C GLY D 137 -11.58 5.71 -28.83
N LEU D 138 -10.91 5.92 -27.70
CA LEU D 138 -11.59 6.00 -26.40
C LEU D 138 -12.56 7.17 -26.35
N ASN D 139 -12.17 8.29 -26.95
CA ASN D 139 -13.06 9.44 -27.04
C ASN D 139 -14.35 9.09 -27.77
N LYS D 140 -14.24 8.38 -28.90
CA LYS D 140 -15.41 7.92 -29.64
C LYS D 140 -16.33 7.05 -28.76
N ILE D 141 -15.72 6.22 -27.92
CA ILE D 141 -16.46 5.39 -26.98
C ILE D 141 -17.16 6.26 -25.93
N VAL D 142 -16.46 7.27 -25.40
CA VAL D 142 -17.05 8.19 -24.42
C VAL D 142 -18.24 8.90 -25.04
N ARG D 143 -18.08 9.35 -26.28
CA ARG D 143 -19.10 10.11 -27.00
C ARG D 143 -20.36 9.28 -27.27
N MET D 144 -20.19 7.99 -27.57
CA MET D 144 -21.36 7.12 -27.84
C MET D 144 -22.09 6.74 -26.59
N TYR D 145 -21.34 6.32 -25.57
CA TYR D 145 -21.93 5.91 -24.30
C TYR D 145 -22.51 7.10 -23.52
N SER D 146 -22.21 8.34 -23.94
CA SER D 146 -22.89 9.55 -23.44
C SER D 146 -24.41 9.43 -23.59
N PRO D 147 -25.15 9.37 -22.46
CA PRO D 147 -26.57 9.06 -22.57
C PRO D 147 -27.41 10.20 -23.17
N THR D 148 -27.32 11.38 -22.58
CA THR D 148 -28.17 12.53 -22.93
C THR D 148 -27.49 13.51 -23.90
N SER D 149 -28.30 14.19 -24.71
CA SER D 149 -27.83 15.29 -25.58
C SER D 149 -27.88 16.63 -24.84
N ILE D 150 -27.00 17.56 -25.22
CA ILE D 150 -26.94 18.90 -24.61
C ILE D 150 -28.27 19.70 -24.68
N LEU D 151 -29.02 19.48 -25.77
CA LEU D 151 -30.28 20.16 -26.00
C LEU D 151 -31.37 19.73 -25.01
N ASP D 152 -31.30 18.48 -24.54
CA ASP D 152 -32.28 17.93 -23.60
C ASP D 152 -31.99 18.23 -22.12
N ILE D 153 -30.86 18.88 -21.84
CA ILE D 153 -30.54 19.33 -20.48
C ILE D 153 -31.23 20.67 -20.22
N ARG D 154 -32.39 20.60 -19.58
CA ARG D 154 -33.22 21.77 -19.24
C ARG D 154 -33.41 21.79 -17.73
N GLN D 155 -33.36 22.98 -17.13
CA GLN D 155 -33.48 23.12 -15.67
C GLN D 155 -34.90 22.83 -15.20
N GLY D 156 -35.03 22.02 -14.17
CA GLY D 156 -36.33 21.67 -13.60
C GLY D 156 -36.97 22.83 -12.87
N PRO D 157 -38.28 22.71 -12.53
CA PRO D 157 -38.98 23.82 -11.87
C PRO D 157 -38.44 24.11 -10.47
N LYS D 158 -38.28 23.05 -9.66
CA LYS D 158 -37.74 23.16 -8.31
C LYS D 158 -36.26 22.72 -8.21
N GLU D 159 -35.57 22.58 -9.35
CA GLU D 159 -34.15 22.21 -9.37
C GLU D 159 -33.28 23.43 -9.10
N PRO D 160 -32.25 23.29 -8.22
CA PRO D 160 -31.27 24.38 -8.05
C PRO D 160 -30.47 24.64 -9.33
N PHE D 161 -30.03 25.88 -9.51
CA PHE D 161 -29.23 26.24 -10.69
C PHE D 161 -27.90 25.48 -10.66
N ARG D 162 -27.27 25.46 -9.50
CA ARG D 162 -26.04 24.70 -9.26
C ARG D 162 -26.12 23.29 -9.86
N ASP D 163 -27.19 22.56 -9.54
CA ASP D 163 -27.38 21.18 -10.01
C ASP D 163 -27.57 21.10 -11.52
N TYR D 164 -28.27 22.08 -12.07
CA TYR D 164 -28.47 22.18 -13.52
C TYR D 164 -27.15 22.44 -14.25
N VAL D 165 -26.32 23.33 -13.71
CA VAL D 165 -25.04 23.68 -14.33
C VAL D 165 -24.14 22.46 -14.34
N ASP D 166 -24.13 21.73 -13.22
CA ASP D 166 -23.42 20.45 -13.13
C ASP D 166 -23.87 19.51 -14.26
N ARG D 167 -25.19 19.32 -14.39
CA ARG D 167 -25.73 18.44 -15.44
C ARG D 167 -25.43 18.96 -16.84
N PHE D 168 -25.40 20.27 -17.01
CA PHE D 168 -25.11 20.88 -18.31
C PHE D 168 -23.70 20.57 -18.76
N TYR D 169 -22.71 21.00 -17.96
CA TYR D 169 -21.32 20.89 -18.35
C TYR D 169 -20.78 19.46 -18.27
N LYS D 170 -21.46 18.59 -17.52
CA LYS D 170 -21.13 17.17 -17.54
C LYS D 170 -21.48 16.61 -18.91
N THR D 171 -22.69 16.93 -19.37
CA THR D 171 -23.19 16.49 -20.68
C THR D 171 -22.36 17.10 -21.81
N LEU D 172 -21.95 18.35 -21.63
CA LEU D 172 -21.10 19.04 -22.61
C LEU D 172 -19.74 18.37 -22.78
N ARG D 173 -19.13 17.95 -21.66
CA ARG D 173 -17.83 17.27 -21.68
C ARG D 173 -17.88 15.93 -22.40
N ALA D 174 -18.95 15.16 -22.18
CA ALA D 174 -19.08 13.84 -22.82
C ALA D 174 -19.29 13.92 -24.32
N GLU D 175 -20.01 14.95 -24.79
CA GLU D 175 -20.35 15.07 -26.21
C GLU D 175 -19.26 15.79 -27.02
N THR D 186 -23.22 28.20 -26.88
CA THR D 186 -22.95 27.20 -25.83
C THR D 186 -23.12 27.79 -24.43
N GLU D 187 -22.35 28.84 -24.13
CA GLU D 187 -22.55 29.63 -22.92
C GLU D 187 -23.92 30.32 -22.93
N THR D 188 -24.37 30.74 -24.11
CA THR D 188 -25.71 31.35 -24.29
C THR D 188 -26.85 30.33 -24.15
N LEU D 189 -26.60 29.09 -24.58
CA LEU D 189 -27.57 27.99 -24.41
C LEU D 189 -27.85 27.67 -22.94
N LEU D 190 -26.80 27.66 -22.11
CA LEU D 190 -26.95 27.52 -20.66
C LEU D 190 -28.02 28.45 -20.07
N VAL D 191 -28.08 29.67 -20.59
CA VAL D 191 -29.08 30.65 -20.15
C VAL D 191 -30.47 30.27 -20.68
N GLN D 192 -30.53 29.90 -21.97
CA GLN D 192 -31.77 29.47 -22.64
C GLN D 192 -32.49 28.35 -21.87
N ASN D 193 -31.82 27.24 -21.66
CA ASN D 193 -32.42 26.09 -20.98
C ASN D 193 -32.63 26.21 -19.46
N ALA D 194 -32.29 27.36 -18.85
CA ALA D 194 -32.63 27.63 -17.45
C ALA D 194 -34.13 27.81 -17.26
N ASN D 195 -34.61 27.67 -16.02
CA ASN D 195 -36.05 27.79 -15.73
C ASN D 195 -36.51 29.26 -15.78
N PRO D 196 -37.83 29.50 -15.96
CA PRO D 196 -38.34 30.88 -16.09
C PRO D 196 -37.90 31.88 -15.01
N ASP D 197 -37.83 31.45 -13.75
CA ASP D 197 -37.43 32.32 -12.64
C ASP D 197 -35.95 32.72 -12.70
N CYS D 198 -35.06 31.71 -12.82
CA CYS D 198 -33.62 31.99 -12.96
CA CYS D 198 -33.62 31.92 -12.94
C CYS D 198 -33.33 32.68 -14.28
N LYS D 199 -33.88 32.18 -15.39
CA LYS D 199 -33.69 32.81 -16.72
C LYS D 199 -33.92 34.33 -16.71
N THR D 200 -34.98 34.78 -16.02
CA THR D 200 -35.28 36.21 -15.90
C THR D 200 -34.20 36.95 -15.10
N ILE D 201 -33.68 36.32 -14.05
CA ILE D 201 -32.58 36.89 -13.24
C ILE D 201 -31.26 36.89 -14.03
N LEU D 202 -31.03 35.86 -14.85
CA LEU D 202 -29.81 35.74 -15.68
C LEU D 202 -29.74 36.76 -16.81
N LYS D 203 -30.86 36.94 -17.53
CA LYS D 203 -30.96 37.97 -18.57
C LYS D 203 -30.74 39.39 -18.01
N ALA D 204 -31.19 39.64 -16.78
CA ALA D 204 -31.00 40.92 -16.10
C ALA D 204 -29.53 41.27 -15.79
N LEU D 205 -28.67 40.27 -15.63
CA LEU D 205 -27.23 40.49 -15.47
C LEU D 205 -26.57 41.05 -16.73
N GLY D 206 -27.17 40.75 -17.88
CA GLY D 206 -26.72 41.30 -19.15
C GLY D 206 -25.66 40.43 -19.81
N PRO D 207 -25.23 40.79 -21.03
CA PRO D 207 -24.25 40.00 -21.77
C PRO D 207 -22.87 39.91 -21.11
N GLY D 208 -22.13 38.84 -21.41
CA GLY D 208 -20.76 38.65 -20.94
C GLY D 208 -20.58 38.35 -19.46
N ALA D 209 -21.62 37.85 -18.80
CA ALA D 209 -21.57 37.55 -17.36
C ALA D 209 -20.81 36.24 -17.10
N THR D 210 -19.98 36.23 -16.05
CA THR D 210 -19.26 35.01 -15.65
C THR D 210 -20.19 34.02 -14.96
N LEU D 211 -19.86 32.74 -15.07
CA LEU D 211 -20.60 31.66 -14.40
C LEU D 211 -20.67 31.86 -12.88
N GLU D 212 -19.59 32.36 -12.28
CA GLU D 212 -19.59 32.73 -10.87
C GLU D 212 -20.76 33.68 -10.55
N GLU D 213 -20.84 34.78 -11.30
CA GLU D 213 -21.90 35.78 -11.12
C GLU D 213 -23.29 35.21 -11.35
N MET D 214 -23.43 34.40 -12.39
CA MET D 214 -24.70 33.76 -12.75
C MET D 214 -25.19 32.83 -11.64
N MET D 215 -24.28 32.01 -11.11
CA MET D 215 -24.60 31.07 -10.03
C MET D 215 -24.94 31.79 -8.74
N THR D 216 -24.16 32.82 -8.41
CA THR D 216 -24.41 33.66 -7.24
C THR D 216 -25.81 34.27 -7.30
N ALA D 217 -26.22 34.70 -8.50
CA ALA D 217 -27.53 35.33 -8.70
C ALA D 217 -28.71 34.40 -8.43
N CYS D 218 -28.64 33.16 -8.92
CA CYS D 218 -29.72 32.19 -8.76
C CYS D 218 -29.46 31.23 -7.58
N GLN D 219 -29.29 31.79 -6.38
CA GLN D 219 -28.90 31.01 -5.21
C GLN D 219 -29.90 31.16 -4.08
N PRO E 1 5.38 15.34 -11.95
CA PRO E 1 6.20 16.48 -11.52
C PRO E 1 7.56 16.52 -12.26
N ILE E 2 8.69 16.74 -11.57
CA ILE E 2 9.94 17.15 -12.23
C ILE E 2 11.18 16.51 -11.58
N VAL E 3 12.07 15.96 -12.42
CA VAL E 3 13.31 15.31 -11.97
C VAL E 3 14.48 15.53 -12.93
N GLN E 4 15.70 15.45 -12.39
CA GLN E 4 16.90 15.37 -13.19
C GLN E 4 17.25 13.87 -13.34
N ASN E 5 17.44 13.43 -14.58
CA ASN E 5 17.80 12.03 -14.87
C ASN E 5 19.29 11.72 -14.61
N LEU E 6 19.74 10.51 -14.93
CA LEU E 6 21.17 10.18 -14.86
C LEU E 6 21.98 10.88 -15.97
N GLN E 7 21.35 11.17 -17.10
CA GLN E 7 21.98 11.92 -18.20
C GLN E 7 22.21 13.42 -17.96
N GLY E 8 21.72 13.98 -16.86
CA GLY E 8 21.96 15.39 -16.53
C GLY E 8 20.82 16.35 -16.84
N GLN E 9 20.12 16.13 -17.96
CA GLN E 9 19.00 16.98 -18.35
C GLN E 9 17.82 16.75 -17.41
N MET E 10 17.02 17.80 -17.20
CA MET E 10 15.82 17.72 -16.37
C MET E 10 14.64 17.24 -17.21
N VAL E 11 13.96 16.20 -16.74
CA VAL E 11 12.85 15.56 -17.46
C VAL E 11 11.63 15.33 -16.56
N HIS E 12 10.50 15.11 -17.21
CA HIS E 12 9.21 14.93 -16.54
C HIS E 12 9.19 13.58 -15.83
N GLN E 13 9.05 13.61 -14.50
CA GLN E 13 8.72 12.41 -13.72
C GLN E 13 7.24 12.15 -13.83
N CYS E 14 6.87 10.92 -14.21
CA CYS E 14 5.46 10.56 -14.37
C CYS E 14 4.76 10.67 -13.02
N ILE E 15 3.62 11.36 -13.02
CA ILE E 15 2.79 11.50 -11.80
C ILE E 15 2.32 10.13 -11.29
N SER E 16 2.54 9.87 -10.00
CA SER E 16 2.47 8.50 -9.45
C SER E 16 1.02 8.02 -9.29
N PRO E 17 0.79 6.69 -9.38
CA PRO E 17 -0.57 6.19 -9.18
C PRO E 17 -1.14 6.47 -7.79
N ARG E 18 -0.30 6.43 -6.76
CA ARG E 18 -0.73 6.82 -5.41
C ARG E 18 -1.29 8.23 -5.41
N THR E 19 -0.54 9.17 -5.99
CA THR E 19 -0.92 10.57 -6.03
C THR E 19 -2.20 10.77 -6.83
N LEU E 20 -2.28 10.14 -8.00
CA LEU E 20 -3.47 10.25 -8.84
C LEU E 20 -4.70 9.84 -8.06
N ASN E 21 -4.62 8.66 -7.48
CA ASN E 21 -5.73 8.07 -6.76
C ASN E 21 -6.05 8.86 -5.51
N ALA E 22 -5.03 9.32 -4.80
CA ALA E 22 -5.21 10.13 -3.59
C ALA E 22 -6.09 11.32 -3.89
N TRP E 23 -5.76 12.05 -4.95
CA TRP E 23 -6.53 13.24 -5.33
C TRP E 23 -7.95 12.92 -5.77
N VAL E 24 -8.12 11.84 -6.54
CA VAL E 24 -9.45 11.42 -6.95
C VAL E 24 -10.32 11.13 -5.74
N LYS E 25 -9.78 10.39 -4.78
CA LYS E 25 -10.55 9.90 -3.64
C LYS E 25 -10.94 11.00 -2.66
N VAL E 26 -10.04 11.94 -2.39
CA VAL E 26 -10.37 13.10 -1.55
CA VAL E 26 -10.40 13.07 -1.54
C VAL E 26 -11.54 13.89 -2.13
N VAL E 27 -11.51 14.11 -3.44
CA VAL E 27 -12.59 14.85 -4.08
C VAL E 27 -13.90 14.04 -4.05
N GLU E 28 -13.81 12.72 -4.19
CA GLU E 28 -15.00 11.87 -4.06
C GLU E 28 -15.61 11.99 -2.67
N GLU E 29 -14.78 11.92 -1.63
CA GLU E 29 -15.24 11.83 -0.24
C GLU E 29 -15.57 13.17 0.38
N LYS E 30 -14.68 14.14 0.19
CA LYS E 30 -14.79 15.45 0.83
C LYS E 30 -15.40 16.54 -0.08
N ALA E 31 -15.64 16.23 -1.35
CA ALA E 31 -16.15 17.20 -2.32
C ALA E 31 -15.25 18.43 -2.38
N PHE E 32 -15.76 19.61 -2.01
CA PHE E 32 -14.93 20.80 -1.90
C PHE E 32 -15.08 21.45 -0.53
N SER E 33 -14.84 20.61 0.48
CA SER E 33 -14.70 21.03 1.86
C SER E 33 -13.32 21.73 1.99
N PRO E 34 -13.18 22.71 2.90
CA PRO E 34 -11.95 23.52 2.96
C PRO E 34 -10.64 22.74 2.98
N GLU E 35 -10.61 21.62 3.71
CA GLU E 35 -9.42 20.78 3.84
C GLU E 35 -8.94 20.09 2.55
N VAL E 36 -9.80 20.06 1.53
CA VAL E 36 -9.41 19.52 0.22
C VAL E 36 -8.29 20.35 -0.43
N ILE E 37 -8.30 21.66 -0.20
CA ILE E 37 -7.37 22.58 -0.89
C ILE E 37 -5.92 22.33 -0.45
N PRO E 38 -5.65 22.35 0.88
CA PRO E 38 -4.31 22.03 1.37
C PRO E 38 -3.79 20.70 0.85
N MET E 39 -4.69 19.72 0.77
CA MET E 39 -4.38 18.42 0.23
C MET E 39 -4.07 18.48 -1.28
N PHE E 40 -4.90 19.21 -2.05
CA PHE E 40 -4.60 19.42 -3.47
C PHE E 40 -3.20 20.00 -3.67
N SER E 41 -2.91 21.05 -2.91
CA SER E 41 -1.59 21.69 -2.98
C SER E 41 -0.48 20.68 -2.71
N ALA E 42 -0.68 19.87 -1.68
CA ALA E 42 0.35 18.93 -1.22
C ALA E 42 0.56 17.81 -2.22
N LEU E 43 -0.53 17.26 -2.74
CA LEU E 43 -0.47 16.19 -3.74
C LEU E 43 0.09 16.69 -5.07
N SER E 44 -0.22 17.95 -5.41
CA SER E 44 0.30 18.58 -6.63
C SER E 44 1.65 19.27 -6.42
N CYS E 45 2.45 18.77 -5.48
CA CYS E 45 3.75 19.36 -5.17
C CYS E 45 4.75 19.11 -6.31
N GLY E 46 5.40 20.18 -6.76
CA GLY E 46 6.37 20.09 -7.85
C GLY E 46 5.76 19.80 -9.22
N ALA E 47 4.45 20.05 -9.36
CA ALA E 47 3.70 19.67 -10.54
C ALA E 47 3.92 20.65 -11.68
N THR E 48 4.06 20.14 -12.89
CA THR E 48 4.06 20.98 -14.10
C THR E 48 2.62 21.37 -14.40
N PRO E 49 2.42 22.43 -15.21
CA PRO E 49 1.06 22.78 -15.62
C PRO E 49 0.27 21.64 -16.27
N GLN E 50 0.97 20.77 -17.00
CA GLN E 50 0.35 19.57 -17.57
C GLN E 50 -0.21 18.69 -16.46
N ASP E 51 0.62 18.43 -15.44
CA ASP E 51 0.25 17.58 -14.29
C ASP E 51 -0.92 18.16 -13.51
N LEU E 52 -0.92 19.48 -13.33
CA LEU E 52 -2.03 20.16 -12.68
C LEU E 52 -3.33 19.91 -13.45
N ASN E 53 -3.29 20.05 -14.77
CA ASN E 53 -4.44 19.75 -15.63
C ASN E 53 -4.84 18.27 -15.56
N THR E 54 -3.84 17.39 -15.56
CA THR E 54 -4.11 15.95 -15.37
C THR E 54 -4.94 15.74 -14.10
N MET E 55 -4.48 16.30 -12.99
CA MET E 55 -5.17 16.14 -11.72
C MET E 55 -6.59 16.69 -11.75
N LEU E 56 -6.80 17.86 -12.35
CA LEU E 56 -8.14 18.43 -12.42
C LEU E 56 -9.04 17.63 -13.36
N ASN E 57 -8.46 17.15 -14.46
CA ASN E 57 -9.21 16.31 -15.40
C ASN E 57 -9.61 14.95 -14.85
N THR E 58 -8.87 14.40 -13.88
CA THR E 58 -9.23 13.13 -13.25
C THR E 58 -10.45 13.25 -12.32
N VAL E 59 -10.83 14.48 -11.95
CA VAL E 59 -12.06 14.72 -11.19
C VAL E 59 -13.26 14.52 -12.11
N GLY E 60 -14.21 13.71 -11.65
CA GLY E 60 -15.28 13.19 -12.49
C GLY E 60 -16.57 13.99 -12.48
N GLY E 61 -17.03 14.32 -11.28
CA GLY E 61 -18.28 15.05 -11.13
C GLY E 61 -18.02 16.53 -11.09
N HIS E 62 -18.88 17.24 -10.37
CA HIS E 62 -18.61 18.62 -9.94
C HIS E 62 -18.30 19.59 -11.11
N GLN E 63 -18.88 19.34 -12.28
CA GLN E 63 -18.48 20.08 -13.48
C GLN E 63 -18.87 21.56 -13.46
N ALA E 64 -19.87 21.92 -12.65
CA ALA E 64 -20.21 23.31 -12.36
C ALA E 64 -19.02 23.98 -11.70
N ALA E 65 -18.54 23.38 -10.62
CA ALA E 65 -17.38 23.88 -9.90
C ALA E 65 -16.13 23.96 -10.79
N MET E 66 -15.86 22.92 -11.56
CA MET E 66 -14.70 22.92 -12.46
C MET E 66 -14.83 23.97 -13.56
N GLN E 67 -16.07 24.25 -14.01
CA GLN E 67 -16.30 25.30 -14.99
C GLN E 67 -16.03 26.68 -14.40
N MET E 68 -16.43 26.90 -13.15
CA MET E 68 -16.07 28.13 -12.42
C MET E 68 -14.56 28.28 -12.31
N LEU E 69 -13.87 27.17 -12.05
CA LEU E 69 -12.42 27.15 -11.96
C LEU E 69 -11.78 27.55 -13.30
N LYS E 70 -12.32 27.05 -14.41
CA LYS E 70 -11.86 27.45 -15.75
C LYS E 70 -11.91 28.97 -15.93
N GLU E 71 -13.01 29.58 -15.54
CA GLU E 71 -13.19 31.03 -15.67
C GLU E 71 -12.17 31.81 -14.85
N THR E 72 -11.93 31.36 -13.61
CA THR E 72 -10.90 31.96 -12.77
C THR E 72 -9.50 31.79 -13.40
N ILE E 73 -9.23 30.65 -14.03
CA ILE E 73 -7.98 30.46 -14.76
C ILE E 73 -7.88 31.41 -15.96
N ASN E 74 -8.95 31.52 -16.74
CA ASN E 74 -9.01 32.43 -17.89
C ASN E 74 -8.85 33.91 -17.53
N GLU E 75 -9.39 34.28 -16.37
CA GLU E 75 -9.23 35.64 -15.82
C GLU E 75 -7.79 35.93 -15.40
N GLU E 76 -7.21 35.04 -14.59
CA GLU E 76 -5.84 35.20 -14.11
C GLU E 76 -4.81 35.12 -15.25
N ALA E 77 -5.11 34.35 -16.30
CA ALA E 77 -4.26 34.27 -17.48
C ALA E 77 -4.26 35.57 -18.30
N ALA E 78 -5.43 36.20 -18.39
CA ALA E 78 -5.56 37.51 -19.06
C ALA E 78 -4.87 38.64 -18.28
N GLU E 79 -4.96 38.58 -16.96
CA GLU E 79 -4.25 39.49 -16.06
C GLU E 79 -2.73 39.36 -16.22
N TRP E 80 -2.24 38.14 -16.41
CA TRP E 80 -0.82 37.90 -16.68
C TRP E 80 -0.39 38.51 -18.01
N ASP E 81 -1.14 38.21 -19.07
CA ASP E 81 -0.91 38.79 -20.42
C ASP E 81 -0.83 40.31 -20.41
N ARG E 82 -1.65 40.93 -19.57
CA ARG E 82 -1.68 42.38 -19.41
C ARG E 82 -0.38 42.92 -18.83
N LEU E 83 0.11 42.30 -17.75
CA LEU E 83 1.33 42.74 -17.06
C LEU E 83 2.65 42.29 -17.70
N HIS E 84 2.62 41.29 -18.58
CA HIS E 84 3.82 40.73 -19.22
C HIS E 84 3.63 40.71 -20.76
N PRO E 85 3.83 41.87 -21.44
CA PRO E 85 3.55 41.95 -22.89
C PRO E 85 4.66 41.41 -23.80
N VAL E 86 4.30 40.50 -24.71
CA VAL E 86 5.27 39.80 -25.57
C VAL E 86 6.03 40.76 -26.48
N HIS E 87 7.36 40.71 -26.40
CA HIS E 87 8.23 41.66 -27.09
C HIS E 87 9.32 40.94 -27.86
N MET E 96 14.84 30.48 -25.63
CA MET E 96 13.59 30.11 -24.98
C MET E 96 12.68 31.34 -24.79
N ARG E 97 11.47 31.27 -25.34
CA ARG E 97 10.53 32.41 -25.39
C ARG E 97 10.00 32.80 -24.00
N GLU E 98 9.27 33.91 -23.94
CA GLU E 98 8.73 34.44 -22.67
C GLU E 98 7.30 33.95 -22.48
N PRO E 99 6.99 33.33 -21.33
CA PRO E 99 5.69 32.63 -21.18
C PRO E 99 4.49 33.54 -20.98
N ARG E 100 3.53 33.45 -21.89
CA ARG E 100 2.25 34.15 -21.76
C ARG E 100 1.29 33.34 -20.86
N GLY E 101 0.12 33.92 -20.56
CA GLY E 101 -0.87 33.33 -19.67
C GLY E 101 -1.39 31.97 -20.09
N SER E 102 -1.70 31.82 -21.37
CA SER E 102 -2.14 30.54 -21.93
C SER E 102 -1.05 29.46 -21.91
N ASP E 103 0.24 29.86 -21.88
CA ASP E 103 1.35 28.91 -21.72
C ASP E 103 1.48 28.42 -20.27
N ILE E 104 1.18 29.29 -19.32
CA ILE E 104 1.22 28.94 -17.89
C ILE E 104 0.11 27.95 -17.52
N ALA E 105 -1.10 28.20 -18.03
CA ALA E 105 -2.24 27.28 -17.83
C ALA E 105 -2.12 25.95 -18.58
N GLY E 106 -1.20 25.89 -19.55
CA GLY E 106 -0.88 24.64 -20.24
C GLY E 106 -1.67 24.41 -21.51
N THR E 107 -2.47 25.39 -21.94
CA THR E 107 -3.29 25.24 -23.14
C THR E 107 -2.46 25.37 -24.42
N THR E 108 -1.45 26.25 -24.38
CA THR E 108 -0.61 26.55 -25.55
C THR E 108 0.89 26.46 -25.20
N SER E 109 1.29 25.35 -24.60
CA SER E 109 2.70 25.10 -24.30
C SER E 109 2.95 23.61 -24.16
N THR E 110 4.09 23.14 -24.67
CA THR E 110 4.46 21.74 -24.58
C THR E 110 5.03 21.42 -23.21
N LEU E 111 5.11 20.13 -22.91
CA LEU E 111 5.70 19.66 -21.65
C LEU E 111 7.17 20.06 -21.57
N GLN E 112 7.89 19.89 -22.67
CA GLN E 112 9.31 20.25 -22.72
C GLN E 112 9.54 21.76 -22.48
N GLU E 113 8.63 22.60 -22.97
CA GLU E 113 8.65 24.04 -22.67
C GLU E 113 8.41 24.35 -21.19
N GLN E 114 7.45 23.65 -20.59
CA GLN E 114 7.11 23.82 -19.16
C GLN E 114 8.27 23.39 -18.27
N ILE E 115 8.87 22.24 -18.59
CA ILE E 115 10.12 21.80 -17.97
C ILE E 115 11.16 22.89 -18.16
N GLY E 116 11.28 23.37 -19.39
CA GLY E 116 12.13 24.51 -19.75
C GLY E 116 12.10 25.65 -18.76
N TRP E 117 10.95 26.32 -18.67
CA TRP E 117 10.79 27.51 -17.80
C TRP E 117 11.06 27.26 -16.32
N MET E 118 10.60 26.12 -15.80
CA MET E 118 10.73 25.78 -14.37
C MET E 118 12.15 25.42 -13.98
N THR E 119 12.82 24.63 -14.83
CA THR E 119 14.20 24.18 -14.61
C THR E 119 15.22 25.17 -15.17
N HIS E 120 14.76 26.15 -15.95
CA HIS E 120 15.61 27.23 -16.44
C HIS E 120 16.29 27.96 -15.29
N ASN E 121 17.41 28.59 -15.61
CA ASN E 121 18.05 29.52 -14.68
C ASN E 121 18.13 30.90 -15.33
N PRO E 122 17.49 31.93 -14.75
CA PRO E 122 16.70 31.87 -13.51
C PRO E 122 15.39 31.10 -13.67
N PRO E 123 14.86 30.54 -12.58
CA PRO E 123 13.64 29.74 -12.68
C PRO E 123 12.40 30.61 -12.84
N ILE E 124 11.63 30.34 -13.90
CA ILE E 124 10.31 30.92 -14.11
C ILE E 124 9.32 29.82 -13.70
N PRO E 125 8.83 29.87 -12.44
CA PRO E 125 8.09 28.74 -11.92
C PRO E 125 6.63 28.75 -12.40
N VAL E 126 6.41 28.32 -13.64
CA VAL E 126 5.06 28.31 -14.24
C VAL E 126 4.11 27.39 -13.47
N GLY E 127 4.66 26.30 -12.91
CA GLY E 127 3.89 25.36 -12.10
C GLY E 127 3.36 25.97 -10.82
N GLU E 128 4.22 26.68 -10.10
CA GLU E 128 3.81 27.32 -8.84
C GLU E 128 2.85 28.50 -9.08
N ILE E 129 3.03 29.19 -10.20
CA ILE E 129 2.15 30.31 -10.58
C ILE E 129 0.75 29.80 -10.93
N TYR E 130 0.70 28.77 -11.77
CA TYR E 130 -0.58 28.17 -12.18
C TYR E 130 -1.32 27.56 -10.99
N LYS E 131 -0.57 26.91 -10.09
CA LYS E 131 -1.15 26.38 -8.85
C LYS E 131 -1.80 27.49 -8.03
N ARG E 132 -1.12 28.64 -7.96
CA ARG E 132 -1.67 29.82 -7.26
C ARG E 132 -3.04 30.21 -7.83
N TRP E 133 -3.16 30.20 -9.17
CA TRP E 133 -4.43 30.52 -9.83
C TRP E 133 -5.51 29.46 -9.54
N ILE E 134 -5.12 28.18 -9.63
CA ILE E 134 -6.04 27.07 -9.36
C ILE E 134 -6.58 27.15 -7.92
N ILE E 135 -5.67 27.29 -6.96
CA ILE E 135 -6.05 27.41 -5.55
C ILE E 135 -6.96 28.63 -5.34
N LEU E 136 -6.61 29.75 -5.96
CA LEU E 136 -7.45 30.96 -5.90
C LEU E 136 -8.87 30.65 -6.38
N GLY E 137 -8.97 29.92 -7.48
CA GLY E 137 -10.27 29.47 -8.00
C GLY E 137 -10.97 28.46 -7.10
N LEU E 138 -10.21 27.52 -6.56
CA LEU E 138 -10.76 26.53 -5.64
C LEU E 138 -11.32 27.15 -4.37
N ASN E 139 -10.64 28.18 -3.87
CA ASN E 139 -11.15 28.91 -2.72
C ASN E 139 -12.51 29.53 -2.99
N LYS E 140 -12.67 30.15 -4.16
CA LYS E 140 -13.98 30.69 -4.57
C LYS E 140 -15.08 29.60 -4.57
N ILE E 141 -14.72 28.41 -5.02
CA ILE E 141 -15.61 27.25 -5.02
C ILE E 141 -15.95 26.84 -3.59
N VAL E 142 -14.95 26.81 -2.70
CA VAL E 142 -15.19 26.46 -1.31
C VAL E 142 -16.17 27.44 -0.69
N ARG E 143 -15.96 28.73 -0.97
CA ARG E 143 -16.77 29.80 -0.39
C ARG E 143 -18.24 29.74 -0.83
N MET E 144 -18.48 29.38 -2.08
CA MET E 144 -19.85 29.31 -2.59
C MET E 144 -20.58 28.08 -2.09
N TYR E 145 -19.92 26.93 -2.18
CA TYR E 145 -20.51 25.67 -1.74
C TYR E 145 -20.65 25.56 -0.21
N SER E 146 -20.03 26.48 0.54
CA SER E 146 -20.30 26.64 1.98
C SER E 146 -21.80 26.75 2.26
N PRO E 147 -22.38 25.76 2.98
CA PRO E 147 -23.85 25.74 3.13
C PRO E 147 -24.41 26.83 4.04
N THR E 148 -23.91 26.87 5.28
CA THR E 148 -24.43 27.77 6.31
C THR E 148 -23.62 29.07 6.41
N SER E 149 -24.32 30.14 6.78
CA SER E 149 -23.69 31.44 7.08
C SER E 149 -23.28 31.50 8.54
N ILE E 150 -22.24 32.27 8.83
CA ILE E 150 -21.72 32.47 10.20
C ILE E 150 -22.79 33.01 11.17
N LEU E 151 -23.69 33.85 10.66
CA LEU E 151 -24.75 34.47 11.46
C LEU E 151 -25.77 33.45 11.97
N ASP E 152 -26.00 32.37 11.19
CA ASP E 152 -26.98 31.32 11.53
C ASP E 152 -26.42 30.23 12.45
N ILE E 153 -25.13 30.29 12.79
CA ILE E 153 -24.53 29.36 13.77
C ILE E 153 -24.79 29.91 15.17
N ARG E 154 -25.83 29.38 15.81
CA ARG E 154 -26.26 29.76 17.15
C ARG E 154 -26.25 28.51 18.03
N GLN E 155 -25.79 28.65 19.28
CA GLN E 155 -25.67 27.51 20.19
C GLN E 155 -27.05 27.02 20.64
N GLY E 156 -27.26 25.71 20.59
CA GLY E 156 -28.54 25.12 21.00
C GLY E 156 -28.74 25.18 22.50
N PRO E 157 -29.96 24.90 22.98
CA PRO E 157 -30.24 24.97 24.42
C PRO E 157 -29.47 23.93 25.24
N LYS E 158 -29.50 22.67 24.78
CA LYS E 158 -28.79 21.57 25.42
C LYS E 158 -27.49 21.17 24.69
N GLU E 159 -27.02 22.02 23.76
CA GLU E 159 -25.78 21.77 23.04
C GLU E 159 -24.57 22.16 23.88
N PRO E 160 -23.52 21.30 23.93
CA PRO E 160 -22.26 21.70 24.57
C PRO E 160 -21.60 22.87 23.87
N PHE E 161 -20.84 23.68 24.60
CA PHE E 161 -20.14 24.82 24.02
C PHE E 161 -19.08 24.33 23.04
N ARG E 162 -18.33 23.32 23.46
CA ARG E 162 -17.34 22.64 22.62
C ARG E 162 -17.87 22.37 21.20
N ASP E 163 -19.06 21.75 21.12
CA ASP E 163 -19.68 21.43 19.82
C ASP E 163 -20.08 22.67 19.02
N TYR E 164 -20.54 23.69 19.71
CA TYR E 164 -20.90 24.96 19.09
C TYR E 164 -19.66 25.65 18.50
N VAL E 165 -18.55 25.66 19.26
CA VAL E 165 -17.32 26.30 18.81
C VAL E 165 -16.79 25.59 17.56
N ASP E 166 -16.85 24.25 17.57
CA ASP E 166 -16.53 23.46 16.38
C ASP E 166 -17.36 23.91 15.19
N ARG E 167 -18.67 23.99 15.36
CA ARG E 167 -19.57 24.42 14.28
C ARG E 167 -19.31 25.86 13.84
N PHE E 168 -18.94 26.71 14.81
CA PHE E 168 -18.66 28.11 14.52
C PHE E 168 -17.45 28.24 13.60
N TYR E 169 -16.31 27.76 14.07
CA TYR E 169 -15.04 27.96 13.35
C TYR E 169 -14.92 27.10 12.09
N LYS E 170 -15.73 26.04 11.98
CA LYS E 170 -15.84 25.28 10.72
C LYS E 170 -16.49 26.16 9.67
N THR E 171 -17.61 26.78 10.05
CA THR E 171 -18.35 27.70 9.18
C THR E 171 -17.51 28.94 8.84
N LEU E 172 -16.74 29.41 9.80
CA LEU E 172 -15.86 30.57 9.60
C LEU E 172 -14.77 30.28 8.57
N ARG E 173 -14.18 29.08 8.64
CA ARG E 173 -13.14 28.67 7.70
C ARG E 173 -13.63 28.60 6.26
N ALA E 174 -14.86 28.10 6.07
CA ALA E 174 -15.43 28.00 4.72
C ALA E 174 -15.76 29.34 4.11
N GLU E 175 -16.22 30.31 4.90
CA GLU E 175 -16.66 31.61 4.38
C GLU E 175 -15.49 32.59 4.19
N GLU E 187 -15.38 36.22 16.73
CA GLU E 187 -14.69 36.46 18.00
C GLU E 187 -15.60 36.99 19.11
N THR E 188 -15.98 38.27 19.01
CA THR E 188 -17.07 38.83 19.85
C THR E 188 -18.43 38.23 19.46
N LEU E 189 -18.59 37.90 18.18
CA LEU E 189 -19.79 37.21 17.69
C LEU E 189 -19.95 35.80 18.30
N LEU E 190 -18.85 35.06 18.39
CA LEU E 190 -18.85 33.77 19.10
C LEU E 190 -19.55 33.83 20.47
N VAL E 191 -19.32 34.92 21.19
CA VAL E 191 -19.96 35.14 22.50
C VAL E 191 -21.46 35.45 22.32
N GLN E 192 -21.79 36.33 21.37
CA GLN E 192 -23.17 36.71 21.04
C GLN E 192 -24.07 35.51 20.78
N ASN E 193 -23.71 34.68 19.81
CA ASN E 193 -24.51 33.51 19.43
C ASN E 193 -24.47 32.30 20.38
N ALA E 194 -23.76 32.40 21.51
CA ALA E 194 -23.85 31.40 22.58
C ALA E 194 -25.21 31.41 23.27
N ASN E 195 -25.55 30.31 23.95
CA ASN E 195 -26.84 30.21 24.65
C ASN E 195 -26.88 31.06 25.93
N PRO E 196 -28.09 31.41 26.42
CA PRO E 196 -28.20 32.29 27.59
C PRO E 196 -27.35 31.90 28.83
N ASP E 197 -27.25 30.62 29.14
CA ASP E 197 -26.49 30.15 30.30
C ASP E 197 -24.99 30.34 30.13
N CYS E 198 -24.44 29.84 29.01
CA CYS E 198 -23.00 30.06 28.71
CA CYS E 198 -23.02 30.01 28.68
C CYS E 198 -22.69 31.51 28.47
N LYS E 199 -23.51 32.20 27.66
CA LYS E 199 -23.32 33.65 27.40
C LYS E 199 -23.11 34.48 28.68
N THR E 200 -23.91 34.20 29.71
CA THR E 200 -23.78 34.89 31.01
C THR E 200 -22.44 34.58 31.69
N ILE E 201 -21.99 33.34 31.59
CA ILE E 201 -20.68 32.93 32.13
C ILE E 201 -19.53 33.55 31.31
N LEU E 202 -19.71 33.65 29.99
CA LEU E 202 -18.69 34.21 29.10
C LEU E 202 -18.48 35.71 29.26
N LYS E 203 -19.58 36.46 29.37
CA LYS E 203 -19.53 37.90 29.66
C LYS E 203 -18.84 38.21 31.01
N ALA E 204 -19.05 37.33 31.99
CA ALA E 204 -18.42 37.44 33.31
C ALA E 204 -16.88 37.31 33.30
N LEU E 205 -16.33 36.58 32.33
CA LEU E 205 -14.87 36.51 32.15
C LEU E 205 -14.25 37.85 31.70
N GLY E 206 -15.05 38.67 31.03
CA GLY E 206 -14.64 40.01 30.63
C GLY E 206 -13.98 40.01 29.26
N PRO E 207 -13.64 41.21 28.74
CA PRO E 207 -13.04 41.34 27.42
C PRO E 207 -11.65 40.69 27.29
N GLY E 208 -11.30 40.30 26.07
CA GLY E 208 -9.98 39.75 25.76
C GLY E 208 -9.68 38.35 26.27
N ALA E 209 -10.72 37.57 26.56
CA ALA E 209 -10.55 36.21 27.09
C ALA E 209 -10.16 35.23 25.97
N THR E 210 -9.25 34.31 26.27
CA THR E 210 -8.83 33.28 25.31
C THR E 210 -9.90 32.21 25.19
N LEU E 211 -9.95 31.58 24.00
CA LEU E 211 -10.88 30.48 23.75
C LEU E 211 -10.71 29.34 24.74
N GLU E 212 -9.45 29.07 25.13
CA GLU E 212 -9.17 28.08 26.17
C GLU E 212 -9.98 28.39 27.44
N GLU E 213 -9.86 29.62 27.93
CA GLU E 213 -10.54 30.06 29.15
C GLU E 213 -12.07 30.00 29.00
N MET E 214 -12.56 30.44 27.83
CA MET E 214 -14.00 30.43 27.53
C MET E 214 -14.58 29.01 27.53
N MET E 215 -13.87 28.08 26.88
CA MET E 215 -14.29 26.68 26.81
C MET E 215 -14.24 26.01 28.19
N THR E 216 -13.17 26.28 28.93
CA THR E 216 -13.03 25.77 30.30
C THR E 216 -14.20 26.22 31.18
N ALA E 217 -14.63 27.47 31.01
CA ALA E 217 -15.72 28.06 31.79
C ALA E 217 -17.07 27.38 31.55
N CYS E 218 -17.40 27.10 30.30
CA CYS E 218 -18.68 26.47 29.94
C CYS E 218 -18.55 24.96 29.73
N GLN E 219 -18.09 24.26 30.76
CA GLN E 219 -17.78 22.83 30.66
C GLN E 219 -18.56 22.06 31.72
N PRO F 1 9.09 17.68 3.61
CA PRO F 1 10.28 17.92 4.43
C PRO F 1 11.47 18.44 3.61
N ILE F 2 12.70 17.92 3.78
CA ILE F 2 13.92 18.58 3.29
C ILE F 2 14.97 17.59 2.74
N VAL F 3 15.51 17.90 1.55
CA VAL F 3 16.54 17.07 0.90
C VAL F 3 17.56 17.88 0.13
N GLN F 4 18.74 17.29 -0.05
CA GLN F 4 19.73 17.81 -0.97
C GLN F 4 19.55 17.06 -2.30
N ASN F 5 19.42 17.81 -3.40
CA ASN F 5 19.25 17.23 -4.75
C ASN F 5 20.59 16.73 -5.33
N LEU F 6 20.58 16.28 -6.59
CA LEU F 6 21.81 15.91 -7.29
C LEU F 6 22.65 17.14 -7.66
N GLN F 7 21.99 18.29 -7.84
CA GLN F 7 22.68 19.57 -8.10
C GLN F 7 23.41 20.20 -6.89
N GLY F 8 23.29 19.65 -5.69
CA GLY F 8 24.03 20.17 -4.54
C GLY F 8 23.24 21.04 -3.59
N GLN F 9 22.37 21.90 -4.13
CA GLN F 9 21.54 22.79 -3.32
C GLN F 9 20.49 21.99 -2.57
N MET F 10 20.10 22.47 -1.39
CA MET F 10 19.07 21.83 -0.58
C MET F 10 17.70 22.36 -1.02
N VAL F 11 16.79 21.43 -1.30
CA VAL F 11 15.44 21.75 -1.80
C VAL F 11 14.34 20.97 -1.07
N HIS F 12 13.12 21.47 -1.20
CA HIS F 12 11.96 20.92 -0.53
C HIS F 12 11.58 19.58 -1.14
N GLN F 13 11.66 18.51 -0.35
CA GLN F 13 11.06 17.22 -0.71
C GLN F 13 9.56 17.28 -0.48
N CYS F 14 8.78 16.91 -1.49
CA CYS F 14 7.33 16.94 -1.37
C CYS F 14 6.87 15.96 -0.29
N ILE F 15 6.02 16.45 0.61
CA ILE F 15 5.43 15.61 1.67
C ILE F 15 4.60 14.47 1.06
N SER F 16 4.87 13.25 1.50
CA SER F 16 4.37 12.04 0.80
C SER F 16 2.90 11.81 0.97
N PRO F 17 2.24 11.17 0.00
CA PRO F 17 0.85 10.78 0.19
C PRO F 17 0.59 9.83 1.35
N ARG F 18 1.49 8.87 1.60
CA ARG F 18 1.38 8.02 2.79
C ARG F 18 1.33 8.86 4.06
N THR F 19 2.28 9.79 4.20
CA THR F 19 2.36 10.64 5.38
C THR F 19 1.14 11.51 5.54
N LEU F 20 0.71 12.12 4.44
CA LEU F 20 -0.47 12.99 4.47
C LEU F 20 -1.66 12.22 5.00
N ASN F 21 -1.91 11.07 4.39
CA ASN F 21 -3.04 10.24 4.73
C ASN F 21 -2.92 9.65 6.13
N ALA F 22 -1.71 9.23 6.51
CA ALA F 22 -1.46 8.72 7.85
C ALA F 22 -1.92 9.71 8.92
N TRP F 23 -1.51 10.97 8.79
CA TRP F 23 -1.89 12.01 9.74
C TRP F 23 -3.40 12.31 9.75
N VAL F 24 -4.00 12.34 8.57
CA VAL F 24 -5.44 12.56 8.48
C VAL F 24 -6.21 11.46 9.20
N LYS F 25 -5.81 10.22 8.98
CA LYS F 25 -6.54 9.07 9.52
C LYS F 25 -6.41 8.92 11.03
N VAL F 26 -5.20 9.15 11.59
CA VAL F 26 -5.02 9.13 13.05
CA VAL F 26 -5.03 9.12 13.05
C VAL F 26 -5.92 10.13 13.73
N VAL F 27 -6.03 11.33 13.17
CA VAL F 27 -6.87 12.36 13.75
C VAL F 27 -8.35 11.98 13.62
N GLU F 28 -8.73 11.35 12.50
CA GLU F 28 -10.10 10.84 12.34
C GLU F 28 -10.44 9.81 13.41
N GLU F 29 -9.54 8.85 13.63
CA GLU F 29 -9.82 7.69 14.49
C GLU F 29 -9.60 7.97 15.97
N LYS F 30 -8.47 8.59 16.29
CA LYS F 30 -8.05 8.82 17.68
C LYS F 30 -8.37 10.21 18.22
N ALA F 31 -8.89 11.10 17.38
CA ALA F 31 -9.17 12.49 17.77
C ALA F 31 -7.93 13.16 18.36
N PHE F 32 -7.96 13.54 19.64
CA PHE F 32 -6.77 14.06 20.33
C PHE F 32 -6.51 13.29 21.62
N SER F 33 -6.43 11.98 21.45
CA SER F 33 -5.97 11.06 22.48
C SER F 33 -4.43 11.26 22.59
N PRO F 34 -3.84 11.04 23.79
CA PRO F 34 -2.41 11.36 23.98
C PRO F 34 -1.46 10.80 22.93
N GLU F 35 -1.72 9.58 22.47
CA GLU F 35 -0.85 8.90 21.49
C GLU F 35 -0.82 9.54 20.11
N VAL F 36 -1.77 10.44 19.83
CA VAL F 36 -1.77 11.18 18.56
C VAL F 36 -0.56 12.11 18.45
N ILE F 37 -0.09 12.66 19.58
CA ILE F 37 0.98 13.65 19.58
C ILE F 37 2.33 13.04 19.14
N PRO F 38 2.78 11.95 19.79
CA PRO F 38 3.99 11.24 19.33
C PRO F 38 3.96 10.89 17.85
N MET F 39 2.78 10.49 17.38
CA MET F 39 2.57 10.17 15.99
C MET F 39 2.66 11.42 15.10
N PHE F 40 2.03 12.51 15.51
CA PHE F 40 2.18 13.79 14.80
C PHE F 40 3.66 14.15 14.65
N SER F 41 4.39 14.10 15.76
CA SER F 41 5.80 14.41 15.77
C SER F 41 6.56 13.54 14.76
N ALA F 42 6.25 12.24 14.76
CA ALA F 42 6.96 11.26 13.94
C ALA F 42 6.65 11.40 12.46
N LEU F 43 5.38 11.62 12.14
CA LEU F 43 4.96 11.87 10.77
C LEU F 43 5.45 13.21 10.23
N SER F 44 5.54 14.22 11.09
CA SER F 44 6.08 15.54 10.73
C SER F 44 7.60 15.65 10.90
N CYS F 45 8.31 14.53 10.79
CA CYS F 45 9.75 14.49 10.94
C CYS F 45 10.44 15.23 9.79
N GLY F 46 11.34 16.15 10.14
CA GLY F 46 12.09 16.91 9.14
C GLY F 46 11.24 17.91 8.38
N ALA F 47 10.09 18.26 8.95
CA ALA F 47 9.11 19.10 8.27
C ALA F 47 9.49 20.56 8.31
N THR F 48 9.30 21.27 7.19
CA THR F 48 9.40 22.73 7.17
C THR F 48 8.15 23.31 7.80
N PRO F 49 8.19 24.59 8.22
CA PRO F 49 6.98 25.23 8.73
C PRO F 49 5.79 25.19 7.77
N GLN F 50 6.05 25.25 6.47
CA GLN F 50 5.02 25.09 5.46
C GLN F 50 4.35 23.74 5.61
N ASP F 51 5.18 22.69 5.69
CA ASP F 51 4.71 21.29 5.80
C ASP F 51 3.92 21.06 7.07
N LEU F 52 4.37 21.65 8.16
CA LEU F 52 3.63 21.60 9.41
C LEU F 52 2.22 22.21 9.25
N ASN F 53 2.14 23.37 8.60
CA ASN F 53 0.84 23.98 8.30
C ASN F 53 0.00 23.13 7.36
N THR F 54 0.63 22.54 6.34
CA THR F 54 -0.06 21.60 5.45
C THR F 54 -0.74 20.52 6.27
N MET F 55 0.02 19.89 7.15
CA MET F 55 -0.51 18.79 7.96
C MET F 55 -1.67 19.24 8.86
N LEU F 56 -1.55 20.40 9.49
CA LEU F 56 -2.64 20.90 10.34
C LEU F 56 -3.87 21.27 9.53
N ASN F 57 -3.63 21.86 8.36
CA ASN F 57 -4.72 22.24 7.46
C ASN F 57 -5.47 21.06 6.86
N THR F 58 -4.82 19.90 6.74
CA THR F 58 -5.51 18.71 6.24
C THR F 58 -6.50 18.12 7.24
N VAL F 59 -6.40 18.51 8.51
CA VAL F 59 -7.37 18.10 9.55
C VAL F 59 -8.67 18.83 9.30
N GLY F 60 -9.77 18.08 9.26
CA GLY F 60 -11.05 18.55 8.78
C GLY F 60 -11.99 19.08 9.85
N GLY F 61 -12.15 18.32 10.92
CA GLY F 61 -13.05 18.69 12.00
C GLY F 61 -12.31 19.46 13.06
N HIS F 62 -12.79 19.33 14.30
CA HIS F 62 -12.04 19.74 15.48
C HIS F 62 -11.58 21.21 15.48
N GLN F 63 -12.37 22.07 14.85
CA GLN F 63 -11.93 23.45 14.62
C GLN F 63 -11.81 24.29 15.90
N ALA F 64 -12.51 23.87 16.96
CA ALA F 64 -12.33 24.46 18.28
C ALA F 64 -10.92 24.20 18.74
N ALA F 65 -10.52 22.94 18.71
CA ALA F 65 -9.17 22.55 19.08
C ALA F 65 -8.11 23.25 18.23
N MET F 66 -8.30 23.29 16.91
CA MET F 66 -7.34 23.92 16.02
C MET F 66 -7.27 25.43 16.24
N GLN F 67 -8.39 26.02 16.63
CA GLN F 67 -8.39 27.45 16.98
C GLN F 67 -7.61 27.72 18.27
N MET F 68 -7.74 26.84 19.27
CA MET F 68 -6.90 26.91 20.47
C MET F 68 -5.42 26.80 20.11
N LEU F 69 -5.11 25.91 19.18
CA LEU F 69 -3.75 25.72 18.71
C LEU F 69 -3.20 26.99 18.06
N LYS F 70 -4.02 27.65 17.24
CA LYS F 70 -3.64 28.95 16.66
C LYS F 70 -3.21 29.97 17.72
N GLU F 71 -3.99 30.07 18.79
CA GLU F 71 -3.70 31.00 19.88
C GLU F 71 -2.38 30.69 20.56
N THR F 72 -2.13 29.41 20.83
CA THR F 72 -0.85 28.98 21.37
C THR F 72 0.30 29.31 20.43
N ILE F 73 0.09 29.17 19.12
CA ILE F 73 1.11 29.55 18.14
C ILE F 73 1.36 31.07 18.17
N ASN F 74 0.27 31.85 18.19
CA ASN F 74 0.36 33.32 18.25
C ASN F 74 1.03 33.84 19.53
N GLU F 75 0.82 33.14 20.64
CA GLU F 75 1.49 33.42 21.92
C GLU F 75 2.98 33.13 21.87
N GLU F 76 3.34 31.92 21.45
CA GLU F 76 4.75 31.51 21.35
C GLU F 76 5.53 32.33 20.31
N ALA F 77 4.86 32.77 19.25
CA ALA F 77 5.47 33.65 18.24
C ALA F 77 5.78 35.05 18.78
N ALA F 78 4.88 35.59 19.61
CA ALA F 78 5.08 36.88 20.28
C ALA F 78 6.21 36.82 21.31
N GLU F 79 6.28 35.70 22.03
CA GLU F 79 7.37 35.43 22.99
C GLU F 79 8.72 35.36 22.28
N TRP F 80 8.76 34.80 21.08
CA TRP F 80 9.97 34.77 20.27
C TRP F 80 10.39 36.17 19.86
N ASP F 81 9.45 36.94 19.28
CA ASP F 81 9.66 38.35 18.90
C ASP F 81 10.24 39.20 20.03
N ARG F 82 9.78 38.93 21.25
CA ARG F 82 10.24 39.63 22.44
C ARG F 82 11.73 39.35 22.73
N LEU F 83 12.12 38.07 22.68
CA LEU F 83 13.50 37.66 22.99
C LEU F 83 14.51 37.83 21.84
N HIS F 84 14.03 37.98 20.61
CA HIS F 84 14.89 38.10 19.42
C HIS F 84 14.50 39.36 18.60
N PRO F 85 14.96 40.56 19.04
CA PRO F 85 14.53 41.82 18.39
C PRO F 85 15.28 42.15 17.09
N ARG F 97 18.14 37.14 6.29
CA ARG F 97 17.66 37.94 7.41
C ARG F 97 17.49 37.07 8.65
N GLU F 98 17.17 37.71 9.78
CA GLU F 98 17.02 37.00 11.06
C GLU F 98 15.53 36.69 11.28
N PRO F 99 15.18 35.40 11.55
CA PRO F 99 13.77 35.00 11.55
C PRO F 99 12.97 35.44 12.77
N ARG F 100 11.92 36.21 12.53
CA ARG F 100 10.96 36.60 13.57
C ARG F 100 9.92 35.48 13.77
N GLY F 101 9.05 35.65 14.78
CA GLY F 101 8.05 34.65 15.17
C GLY F 101 7.06 34.27 14.08
N SER F 102 6.57 35.27 13.36
CA SER F 102 5.66 35.03 12.24
C SER F 102 6.34 34.32 11.05
N ASP F 103 7.67 34.41 10.95
CA ASP F 103 8.43 33.67 9.93
C ASP F 103 8.58 32.20 10.30
N ILE F 104 8.71 31.93 11.59
CA ILE F 104 8.82 30.56 12.11
C ILE F 104 7.51 29.78 11.94
N ALA F 105 6.39 30.43 12.27
CA ALA F 105 5.05 29.83 12.07
C ALA F 105 4.64 29.69 10.59
N GLY F 106 5.35 30.37 9.69
CA GLY F 106 5.15 30.22 8.25
C GLY F 106 4.16 31.20 7.64
N THR F 107 3.68 32.16 8.42
CA THR F 107 2.70 33.14 7.93
C THR F 107 3.36 34.19 7.04
N THR F 108 4.59 34.57 7.37
CA THR F 108 5.33 35.63 6.67
C THR F 108 6.74 35.19 6.29
N SER F 109 6.83 34.04 5.64
CA SER F 109 8.12 33.54 5.13
C SER F 109 7.90 32.57 3.99
N THR F 110 8.73 32.64 2.96
CA THR F 110 8.64 31.75 1.82
C THR F 110 9.27 30.40 2.14
N LEU F 111 8.96 29.41 1.30
CA LEU F 111 9.52 28.07 1.43
C LEU F 111 11.04 28.10 1.29
N GLN F 112 11.52 28.86 0.30
CA GLN F 112 12.95 29.00 0.07
C GLN F 112 13.68 29.62 1.26
N GLU F 113 13.03 30.57 1.94
CA GLU F 113 13.56 31.14 3.19
C GLU F 113 13.64 30.11 4.32
N GLN F 114 12.59 29.30 4.45
CA GLN F 114 12.51 28.24 5.48
C GLN F 114 13.57 27.17 5.26
N ILE F 115 13.72 26.74 4.01
CA ILE F 115 14.83 25.89 3.58
C ILE F 115 16.15 26.58 3.96
N GLY F 116 16.24 27.86 3.60
CA GLY F 116 17.37 28.73 3.97
C GLY F 116 17.85 28.56 5.41
N TRP F 117 16.99 28.95 6.36
CA TRP F 117 17.34 28.94 7.80
C TRP F 117 17.71 27.55 8.33
N MET F 118 16.98 26.51 7.90
CA MET F 118 17.18 25.14 8.40
C MET F 118 18.45 24.50 7.86
N THR F 119 18.71 24.72 6.56
CA THR F 119 19.88 24.17 5.88
C THR F 119 21.08 25.10 5.97
N HIS F 120 20.87 26.33 6.45
CA HIS F 120 21.94 27.28 6.70
C HIS F 120 22.97 26.69 7.65
N ASN F 121 24.18 27.22 7.59
CA ASN F 121 25.17 26.96 8.59
C ASN F 121 25.61 28.26 9.26
N PRO F 122 25.43 28.42 10.58
CA PRO F 122 24.84 27.41 11.49
C PRO F 122 23.35 27.20 11.25
N PRO F 123 22.82 26.02 11.60
CA PRO F 123 21.41 25.75 11.36
C PRO F 123 20.50 26.49 12.35
N ILE F 124 19.56 27.26 11.82
CA ILE F 124 18.48 27.86 12.59
C ILE F 124 17.26 26.98 12.32
N PRO F 125 16.97 26.01 13.22
CA PRO F 125 15.97 25.00 12.89
C PRO F 125 14.55 25.51 13.14
N VAL F 126 14.05 26.31 12.20
CA VAL F 126 12.71 26.90 12.33
C VAL F 126 11.63 25.82 12.39
N GLY F 127 11.86 24.71 11.68
CA GLY F 127 10.94 23.57 11.67
C GLY F 127 10.81 22.89 13.02
N GLU F 128 11.94 22.62 13.66
CA GLU F 128 11.93 21.99 14.98
C GLU F 128 11.39 22.92 16.08
N ILE F 129 11.64 24.23 15.94
CA ILE F 129 11.11 25.24 16.86
C ILE F 129 9.59 25.34 16.75
N TYR F 130 9.10 25.46 15.52
CA TYR F 130 7.65 25.57 15.28
C TYR F 130 6.93 24.30 15.72
N LYS F 131 7.53 23.14 15.48
CA LYS F 131 6.98 21.87 15.95
C LYS F 131 6.85 21.87 17.47
N ARG F 132 7.87 22.40 18.15
CA ARG F 132 7.83 22.53 19.61
C ARG F 132 6.60 23.32 20.06
N TRP F 133 6.30 24.42 19.37
CA TRP F 133 5.12 25.25 19.69
C TRP F 133 3.82 24.49 19.41
N ILE F 134 3.76 23.81 18.27
CA ILE F 134 2.56 23.04 17.88
C ILE F 134 2.28 21.96 18.91
N ILE F 135 3.30 21.18 19.25
CA ILE F 135 3.17 20.11 20.23
C ILE F 135 2.74 20.70 21.58
N LEU F 136 3.36 21.81 21.97
CA LEU F 136 2.99 22.50 23.21
C LEU F 136 1.50 22.81 23.21
N GLY F 137 1.01 23.32 22.08
CA GLY F 137 -0.41 23.60 21.92
C GLY F 137 -1.27 22.34 21.91
N LEU F 138 -0.79 21.31 21.23
CA LEU F 138 -1.53 20.05 21.15
C LEU F 138 -1.68 19.42 22.52
N ASN F 139 -0.63 19.54 23.34
CA ASN F 139 -0.70 19.03 24.70
C ASN F 139 -1.80 19.69 25.48
N LYS F 140 -1.93 21.01 25.36
CA LYS F 140 -3.02 21.75 26.01
C LYS F 140 -4.38 21.21 25.58
N ILE F 141 -4.49 20.88 24.30
CA ILE F 141 -5.73 20.29 23.75
C ILE F 141 -5.98 18.91 24.35
N VAL F 142 -4.93 18.09 24.44
CA VAL F 142 -5.06 16.77 25.04
C VAL F 142 -5.55 16.91 26.48
N ARG F 143 -4.95 17.86 27.21
CA ARG F 143 -5.22 18.06 28.63
C ARG F 143 -6.66 18.51 28.88
N MET F 144 -7.21 19.34 27.99
CA MET F 144 -8.59 19.82 28.16
C MET F 144 -9.60 18.76 27.80
N TYR F 145 -9.40 18.10 26.66
CA TYR F 145 -10.31 17.06 26.19
C TYR F 145 -10.24 15.79 27.07
N SER F 146 -9.23 15.66 27.94
CA SER F 146 -9.16 14.61 28.97
C SER F 146 -10.43 14.57 29.82
N PRO F 147 -11.21 13.46 29.75
CA PRO F 147 -12.51 13.46 30.41
C PRO F 147 -12.47 13.38 31.94
N THR F 148 -11.80 12.35 32.46
CA THR F 148 -11.78 12.06 33.90
C THR F 148 -10.54 12.63 34.60
N SER F 149 -10.71 12.99 35.88
CA SER F 149 -9.60 13.43 36.73
C SER F 149 -8.97 12.22 37.43
N ILE F 150 -7.68 12.34 37.73
CA ILE F 150 -6.92 11.27 38.43
C ILE F 150 -7.52 10.85 39.79
N LEU F 151 -8.12 11.81 40.48
CA LEU F 151 -8.72 11.59 41.79
C LEU F 151 -9.97 10.70 41.73
N ASP F 152 -10.68 10.76 40.61
CA ASP F 152 -11.91 9.98 40.39
C ASP F 152 -11.67 8.55 39.88
N ILE F 153 -10.41 8.19 39.60
CA ILE F 153 -10.07 6.82 39.20
C ILE F 153 -9.87 5.99 40.46
N ARG F 154 -10.92 5.25 40.84
CA ARG F 154 -10.94 4.39 42.02
C ARG F 154 -11.27 2.97 41.58
N GLN F 155 -10.61 1.98 42.18
CA GLN F 155 -10.79 0.58 41.79
C GLN F 155 -12.15 0.06 42.23
N GLY F 156 -12.84 -0.62 41.31
CA GLY F 156 -14.16 -1.17 41.60
C GLY F 156 -14.09 -2.37 42.54
N PRO F 157 -15.24 -2.81 43.09
CA PRO F 157 -15.24 -3.94 44.03
C PRO F 157 -14.80 -5.25 43.38
N LYS F 158 -15.37 -5.58 42.22
CA LYS F 158 -15.03 -6.78 41.46
C LYS F 158 -14.10 -6.51 40.26
N GLU F 159 -13.51 -5.32 40.20
CA GLU F 159 -12.59 -4.96 39.11
C GLU F 159 -11.20 -5.53 39.38
N PRO F 160 -10.57 -6.14 38.36
CA PRO F 160 -9.17 -6.57 38.51
C PRO F 160 -8.23 -5.39 38.73
N PHE F 161 -7.12 -5.61 39.42
CA PHE F 161 -6.13 -4.57 39.67
C PHE F 161 -5.51 -4.12 38.35
N ARG F 162 -5.13 -5.09 37.52
CA ARG F 162 -4.62 -4.86 36.16
C ARG F 162 -5.45 -3.79 35.41
N ASP F 163 -6.76 -3.97 35.38
CA ASP F 163 -7.66 -3.03 34.69
C ASP F 163 -7.69 -1.64 35.32
N TYR F 164 -7.61 -1.60 36.66
CA TYR F 164 -7.56 -0.34 37.40
C TYR F 164 -6.25 0.42 37.11
N VAL F 165 -5.13 -0.29 37.08
CA VAL F 165 -3.83 0.32 36.80
C VAL F 165 -3.81 0.90 35.39
N ASP F 166 -4.36 0.15 34.44
CA ASP F 166 -4.56 0.67 33.08
C ASP F 166 -5.34 1.99 33.09
N ARG F 167 -6.49 2.00 33.76
CA ARG F 167 -7.30 3.20 33.85
C ARG F 167 -6.60 4.34 34.58
N PHE F 168 -5.80 4.00 35.58
CA PHE F 168 -5.06 4.99 36.35
C PHE F 168 -4.06 5.72 35.46
N TYR F 169 -3.12 4.97 34.90
CA TYR F 169 -2.02 5.56 34.16
C TYR F 169 -2.43 6.10 32.79
N LYS F 170 -3.59 5.67 32.27
CA LYS F 170 -4.17 6.30 31.06
C LYS F 170 -4.59 7.71 31.40
N THR F 171 -5.32 7.83 32.52
CA THR F 171 -5.78 9.13 33.01
C THR F 171 -4.62 10.04 33.41
N LEU F 172 -3.58 9.45 33.99
CA LEU F 172 -2.39 10.19 34.37
C LEU F 172 -1.68 10.79 33.16
N ARG F 173 -1.59 10.02 32.08
CA ARG F 173 -0.94 10.46 30.86
C ARG F 173 -1.65 11.65 30.20
N ALA F 174 -2.98 11.62 30.20
CA ALA F 174 -3.76 12.71 29.60
C ALA F 174 -3.68 14.02 30.38
N GLU F 175 -3.60 13.94 31.70
CA GLU F 175 -3.61 15.13 32.55
C GLU F 175 -2.20 15.74 32.72
N ALA F 184 5.60 10.26 41.65
CA ALA F 184 6.15 10.38 43.00
C ALA F 184 5.05 10.34 44.07
N ALA F 185 4.30 11.45 44.23
CA ALA F 185 3.08 11.48 45.03
C ALA F 185 2.03 10.61 44.34
N THR F 186 2.08 10.61 43.01
CA THR F 186 1.21 9.79 42.19
C THR F 186 1.29 8.28 42.42
N GLU F 187 2.49 7.74 42.69
CA GLU F 187 2.66 6.29 42.95
C GLU F 187 1.95 5.85 44.24
N THR F 188 1.97 6.70 45.26
CA THR F 188 1.27 6.44 46.54
C THR F 188 -0.25 6.54 46.42
N LEU F 189 -0.73 7.43 45.55
CA LEU F 189 -2.17 7.55 45.26
C LEU F 189 -2.75 6.29 44.60
N LEU F 190 -2.02 5.69 43.67
CA LEU F 190 -2.38 4.39 43.09
C LEU F 190 -2.77 3.35 44.15
N VAL F 191 -2.05 3.34 45.26
CA VAL F 191 -2.32 2.45 46.39
C VAL F 191 -3.61 2.90 47.13
N GLN F 192 -3.72 4.20 47.40
CA GLN F 192 -4.91 4.81 48.05
C GLN F 192 -6.23 4.42 47.38
N ASN F 193 -6.35 4.74 46.09
CA ASN F 193 -7.59 4.46 45.36
C ASN F 193 -7.86 2.99 44.97
N ALA F 194 -6.99 2.06 45.37
CA ALA F 194 -7.27 0.63 45.22
C ALA F 194 -8.40 0.19 46.15
N ASN F 195 -9.01 -0.96 45.85
CA ASN F 195 -10.13 -1.49 46.66
C ASN F 195 -9.63 -2.06 48.00
N PRO F 196 -10.53 -2.17 49.01
CA PRO F 196 -10.11 -2.64 50.35
C PRO F 196 -9.30 -3.94 50.39
N ASP F 197 -9.64 -4.93 49.56
CA ASP F 197 -8.93 -6.22 49.54
C ASP F 197 -7.50 -6.10 48.99
N CYS F 198 -7.37 -5.49 47.80
CA CYS F 198 -6.03 -5.25 47.23
CA CYS F 198 -6.07 -5.19 47.19
C CYS F 198 -5.24 -4.28 48.07
N LYS F 199 -5.85 -3.15 48.46
CA LYS F 199 -5.17 -2.13 49.30
C LYS F 199 -4.47 -2.75 50.52
N THR F 200 -5.13 -3.69 51.18
CA THR F 200 -4.55 -4.39 52.34
C THR F 200 -3.34 -5.23 51.94
N ILE F 201 -3.41 -5.89 50.79
CA ILE F 201 -2.29 -6.68 50.26
C ILE F 201 -1.14 -5.77 49.81
N LEU F 202 -1.47 -4.61 49.23
CA LEU F 202 -0.47 -3.64 48.75
C LEU F 202 0.32 -2.97 49.87
N LYS F 203 -0.38 -2.55 50.93
CA LYS F 203 0.27 -1.98 52.13
C LYS F 203 1.22 -2.99 52.80
N ALA F 204 0.85 -4.27 52.76
CA ALA F 204 1.67 -5.35 53.32
C ALA F 204 3.01 -5.55 52.61
N LEU F 205 3.09 -5.21 51.32
CA LEU F 205 4.36 -5.23 50.58
C LEU F 205 5.36 -4.19 51.08
N GLY F 206 4.84 -3.10 51.65
CA GLY F 206 5.68 -2.07 52.26
C GLY F 206 6.10 -1.01 51.27
N PRO F 207 6.79 0.03 51.74
CA PRO F 207 7.22 1.15 50.87
C PRO F 207 8.20 0.74 49.78
N GLY F 208 8.20 1.52 48.69
CA GLY F 208 9.15 1.34 47.59
C GLY F 208 8.94 0.11 46.70
N ALA F 209 7.73 -0.45 46.71
CA ALA F 209 7.43 -1.64 45.91
C ALA F 209 7.24 -1.29 44.43
N THR F 210 7.76 -2.14 43.53
CA THR F 210 7.58 -1.94 42.07
C THR F 210 6.19 -2.33 41.64
N LEU F 211 5.71 -1.70 40.56
CA LEU F 211 4.40 -2.00 39.98
C LEU F 211 4.28 -3.47 39.59
N GLU F 212 5.37 -4.06 39.09
CA GLU F 212 5.42 -5.50 38.82
C GLU F 212 5.00 -6.31 40.05
N GLU F 213 5.67 -6.05 41.19
CA GLU F 213 5.38 -6.74 42.46
C GLU F 213 3.96 -6.50 42.95
N MET F 214 3.50 -5.26 42.84
CA MET F 214 2.14 -4.87 43.24
C MET F 214 1.06 -5.60 42.44
N MET F 215 1.26 -5.66 41.11
CA MET F 215 0.33 -6.34 40.21
C MET F 215 0.34 -7.85 40.44
N THR F 216 1.52 -8.42 40.60
CA THR F 216 1.67 -9.84 40.90
C THR F 216 0.91 -10.22 42.18
N ALA F 217 0.98 -9.34 43.18
CA ALA F 217 0.32 -9.57 44.48
C ALA F 217 -1.19 -9.63 44.39
N CYS F 218 -1.81 -8.71 43.65
CA CYS F 218 -3.26 -8.65 43.49
C CYS F 218 -3.75 -9.34 42.21
N GLN F 219 -3.44 -10.62 42.06
CA GLN F 219 -3.71 -11.36 40.83
C GLN F 219 -4.55 -12.59 41.10
O24 1B0 G . 7.28 8.83 29.51
C23 1B0 G . 6.76 8.70 28.42
N4 1B0 G . 7.37 8.15 27.37
C5 1B0 G . 8.75 7.64 27.40
C13 1B0 G . 9.72 8.73 27.00
N15 1B0 G . 10.94 8.80 27.55
C17 1B0 G . 11.31 7.87 28.53
C22 1B0 G . 12.13 6.81 28.18
C21 1B0 G . 12.48 5.87 29.14
C20 1B0 G . 12.02 5.99 30.44
C19 1B0 G . 11.20 7.05 30.80
C18 1B0 G . 10.85 8.00 29.85
C16 1B0 G . 11.96 9.79 27.23
O14 1B0 G . 9.34 9.52 26.13
C6 1B0 G . 8.89 6.52 26.38
C7 1B0 G . 8.33 5.23 26.91
C12 1B0 G . 9.15 4.33 27.57
C11 1B0 G . 8.62 3.13 28.06
C10 1B0 G . 7.28 2.84 27.87
C9 1B0 G . 6.46 3.74 27.20
C8 1B0 G . 6.98 4.93 26.72
C25 1B0 G . 5.35 9.20 28.17
C1 1B0 G . 4.27 8.62 29.06
C26 1B0 G . 3.77 9.12 30.35
C31 1B0 G . 4.16 10.22 31.11
C30 1B0 G . 3.51 10.46 32.32
C29 1B0 G . 2.49 9.61 32.77
C28 1B0 G . 2.12 8.51 31.99
C27 1B0 G . 2.75 8.26 30.78
N3 1B0 G . 2.58 7.28 29.85
C2 1B0 G . 3.43 7.42 28.80
C32 1B0 G . 3.52 6.51 27.61
O24 1B0 H . 12.86 -20.72 19.45
C23 1B0 H . 12.29 -19.76 18.95
N4 1B0 H . 12.54 -19.27 17.74
C5 1B0 H . 13.57 -19.79 16.84
C13 1B0 H . 14.86 -19.05 17.04
N15 1B0 H . 16.05 -19.63 16.81
C17 1B0 H . 16.17 -20.96 16.43
C22 1B0 H . 16.50 -21.32 15.12
C21 1B0 H . 16.63 -22.65 14.77
C20 1B0 H . 16.44 -23.65 15.72
C19 1B0 H . 16.11 -23.30 17.02
C18 1B0 H . 15.99 -21.96 17.37
C16 1B0 H . 17.33 -18.94 17.00
O14 1B0 H . 14.77 -17.88 17.39
C6 1B0 H . 13.14 -19.55 15.38
C7 1B0 H . 12.14 -20.59 14.96
C12 1B0 H . 12.55 -21.73 14.27
C11 1B0 H . 11.62 -22.69 13.89
C10 1B0 H . 10.28 -22.51 14.22
C9 1B0 H . 9.87 -21.38 14.92
C8 1B0 H . 10.80 -20.43 15.29
C25 1B0 H . 11.20 -19.08 19.77
C1 1B0 H . 10.19 -20.06 20.30
C26 1B0 H . 10.18 -20.80 21.58
C31 1B0 H . 11.10 -20.79 22.63
C30 1B0 H . 10.84 -21.59 23.74
C29 1B0 H . 9.69 -22.38 23.80
C28 1B0 H . 8.79 -22.37 22.73
C27 1B0 H . 9.03 -21.57 21.62
N3 1B0 H . 8.33 -21.37 20.47
C2 1B0 H . 8.94 -20.49 19.65
C32 1B0 H . 8.44 -20.05 18.30
CL CL I . -0.68 -0.17 0.46
O24 1B0 J . 4.64 -29.37 -9.38
C23 1B0 J . 4.31 -28.33 -8.84
N4 1B0 J . 4.60 -27.12 -9.32
C5 1B0 J . 5.36 -26.89 -10.54
C13 1B0 J . 6.85 -26.93 -10.26
N15 1B0 J . 7.74 -27.41 -11.16
C17 1B0 J . 7.28 -27.90 -12.40
C22 1B0 J . 7.27 -27.07 -13.50
C21 1B0 J . 6.81 -27.56 -14.73
C20 1B0 J . 6.37 -28.86 -14.85
C19 1B0 J . 6.38 -29.71 -13.73
C18 1B0 J . 6.83 -29.22 -12.51
C16 1B0 J . 9.19 -27.47 -10.96
O14 1B0 J . 7.21 -26.48 -9.18
C6 1B0 J . 5.01 -25.48 -11.03
C7 1B0 J . 3.66 -25.47 -11.69
C12 1B0 J . 3.53 -25.77 -13.04
C11 1B0 J . 2.26 -25.75 -13.62
C10 1B0 J . 1.13 -25.44 -12.86
C9 1B0 J . 1.28 -25.14 -11.51
C8 1B0 J . 2.54 -25.16 -10.93
C25 1B0 J . 3.54 -28.38 -7.54
C1 1B0 J . 2.15 -28.96 -7.61
C26 1B0 J . 1.72 -30.36 -7.45
C31 1B0 J . 2.45 -31.52 -7.19
C30 1B0 J . 1.78 -32.73 -7.07
C29 1B0 J . 0.39 -32.79 -7.21
C28 1B0 J . -0.33 -31.62 -7.47
C27 1B0 J . 0.33 -30.40 -7.58
N3 1B0 J . -0.12 -29.15 -7.82
C2 1B0 J . 0.88 -28.24 -7.85
C32 1B0 J . 0.72 -26.77 -8.09
O24 1B0 K . -6.85 -8.84 -29.62
C23 1B0 K . -6.80 -8.62 -28.42
N4 1B0 K . -6.15 -7.57 -27.89
C5 1B0 K . -5.41 -6.58 -28.67
C13 1B0 K . -4.01 -7.09 -28.97
N15 1B0 K . -3.34 -6.73 -30.08
C17 1B0 K . -3.93 -5.89 -31.03
C22 1B0 K . -3.81 -4.51 -30.89
C21 1B0 K . -4.40 -3.66 -31.83
C20 1B0 K . -5.08 -4.19 -32.92
C19 1B0 K . -5.19 -5.58 -33.07
C18 1B0 K . -4.61 -6.42 -32.13
C16 1B0 K . -2.00 -7.19 -30.41
O14 1B0 K . -3.51 -7.82 -28.14
C6 1B0 K . -5.21 -5.37 -27.78
C7 1B0 K . -6.46 -4.53 -27.69
C12 1B0 K . -6.63 -3.42 -28.52
C11 1B0 K . -7.80 -2.66 -28.40
C10 1B0 K . -8.78 -3.00 -27.47
C9 1B0 K . -8.59 -4.11 -26.65
C8 1B0 K . -7.43 -4.86 -26.75
C25 1B0 K . -7.50 -9.55 -27.45
C1 1B0 K . -8.99 -9.61 -27.67
C26 1B0 K . -9.79 -10.47 -28.58
C31 1B0 K . -9.38 -11.44 -29.49
C30 1B0 K . -10.35 -12.11 -30.24
C29 1B0 K . -11.70 -11.80 -30.08
C28 1B0 K . -12.09 -10.81 -29.16
C27 1B0 K . -11.14 -10.14 -28.40
N3 1B0 K . -11.25 -9.17 -27.46
C2 1B0 K . -10.03 -8.80 -26.97
C32 1B0 K . -9.75 -7.76 -25.92
O24 1B0 L . -10.80 21.54 -20.68
C23 1B0 L . -10.58 20.51 -20.05
N4 1B0 L . -9.56 20.38 -19.19
C5 1B0 L . -8.59 21.43 -18.90
C13 1B0 L . -7.39 21.34 -19.83
N15 1B0 L . -6.75 22.44 -20.25
C17 1B0 L . -7.21 23.72 -19.86
C22 1B0 L . -6.63 24.36 -18.76
C21 1B0 L . -7.09 25.62 -18.36
C20 1B0 L . -8.12 26.25 -19.06
C19 1B0 L . -8.70 25.61 -20.16
C18 1B0 L . -8.24 24.35 -20.56
C16 1B0 L . -5.59 22.45 -21.14
O14 1B0 L . -7.01 20.21 -20.15
C6 1B0 L . -8.08 21.26 -17.47
C7 1B0 L . -9.05 21.77 -16.43
C12 1B0 L . -9.00 23.11 -16.03
C11 1B0 L . -9.89 23.57 -15.06
C10 1B0 L . -10.83 22.71 -14.48
C9 1B0 L . -10.86 21.37 -14.86
C8 1B0 L . -9.97 20.91 -15.83
C25 1B0 L . -11.49 19.31 -20.24
C1 1B0 L . -12.90 19.66 -19.84
C26 1B0 L . -13.93 20.33 -20.66
C31 1B0 L . -13.88 20.79 -21.97
C30 1B0 L . -15.02 21.40 -22.52
C29 1B0 L . -16.18 21.54 -21.75
C28 1B0 L . -16.20 21.08 -20.43
C27 1B0 L . -15.08 20.47 -19.87
N3 1B0 L . -14.84 19.95 -18.63
C2 1B0 L . -13.58 19.45 -18.53
C32 1B0 L . -12.98 18.80 -17.31
O24 1B0 M . -5.32 29.63 9.03
C23 1B0 M . -5.36 28.49 8.59
N4 1B0 M . -4.35 27.62 8.72
C5 1B0 M . -3.08 27.90 9.38
C13 1B0 M . -2.11 28.55 8.41
N15 1B0 M . -1.22 29.48 8.80
C17 1B0 M . -1.19 29.91 10.15
C22 1B0 M . -0.21 29.40 10.99
C21 1B0 M . -0.18 29.79 12.32
C20 1B0 M . -1.12 30.69 12.82
C19 1B0 M . -2.10 31.21 11.97
C18 1B0 M . -2.13 30.82 10.63
C16 1B0 M . -0.24 30.12 7.91
O14 1B0 M . -2.15 28.14 7.26
C6 1B0 M . -2.46 26.59 9.83
C7 1B0 M . -3.07 26.12 11.12
C12 1B0 M . -2.61 26.61 12.35
C11 1B0 M . -3.19 26.17 13.53
C10 1B0 M . -4.22 25.24 13.51
C9 1B0 M . -4.67 24.74 12.28
C8 1B0 M . -4.09 25.18 11.09
C25 1B0 M . -6.60 28.02 7.85
C1 1B0 M . -7.77 27.93 8.81
C26 1B0 M . -8.77 28.98 9.10
C31 1B0 M . -8.92 30.26 8.58
C30 1B0 M . -9.98 31.05 9.03
C29 1B0 M . -10.87 30.54 9.97
C28 1B0 M . -10.72 29.26 10.49
C27 1B0 M . -9.67 28.46 10.04
N3 1B0 M . -9.30 27.19 10.36
C2 1B0 M . -8.19 26.80 9.67
C32 1B0 M . -7.52 25.46 9.79
#